data_9GJS
#
_entry.id   9GJS
#
_cell.length_a   112.693
_cell.length_b   140.804
_cell.length_c   57.710
_cell.angle_alpha   90.00
_cell.angle_beta   90.00
_cell.angle_gamma   90.00
#
_symmetry.space_group_name_H-M   'P 21 21 2'
#
loop_
_entity.id
_entity.type
_entity.pdbx_description
1 polymer 'Endoplasmic reticulum aminopeptidase 1'
2 non-polymer 'ZINC ION'
3 non-polymer 'PHOSPHATE ION'
4 non-polymer 1,2-ETHANEDIOL
5 non-polymer '1-[2-(6-bromanyl-3-oxidanylidene-1,4-benzoxazin-4-yl)ethanoylamino]-4,4-bis(fluoranyl)cyclohexane-1-carboxylic acid'
6 water water
#
_entity_poly.entity_id   1
_entity_poly.type   'polypeptide(L)'
_entity_poly.pdbx_seq_one_letter_code
;MVFLPLKWSLATMSFLLSSLLALLTVSTPSWCQSTEASPKRSDGTPFPWNKIRLPEYVIPVHYDLLIHAQLTTLTFWGTT
KVEITASQPTSTIILHSHHLQISRATLRKGAGERLSEEPLQVLEHPRQEQIALLAPEPLLVGLPYTVVIHYAGQLSETFH
GFYKSTYRTKEGELRILASTQFEPTAARMAFPCFDEPAFKASFSIKIRREPRHLAISNMPLVKSVTVAEGLIEDHFDVTV
KMSTYLVAFIISDFESVSKITKSGVKVSVYAVPDKINQADYALDAAVTLLEFYEDYFSIPYPLPKQDLAAIPDFQSGAME
NWGLTTYRESALLFDAEKSSASSKLGITMTVAHELAHQWFGNLVTMEWWNDLWLNEGFAKFMEFVSVSVTHPELKVGDYF
FGKCFDAMEVDALQSSHPVSTPVENPAQIREMFDDVSYDKGACILNMLREYLSADAFKSGIVQYLQKHSYKNTKNEDLWD
SMASIGSGGVDVKTMMNTWTLQRGFPLITITVRGRNVHMKQEHYMKGSDGAPDTGYLWHVPLTFITSKSDMVHRFLLKTK
TDVLILPEEVEWIKFNVGMNGYYIVHYEDDGWDSLTGLLKGTHTAVSSNDRASLINNAFQLVSIGKLSIEKALDLSLYLK
HETEIMPVFQGLNELIPMYKLMEKRDMNEVETQFKAFLIRLLRDLIDKQTWTDEGSVSERMLRSQLLLLACVHNYQPCVQ
RAEGYFRKWKESNGQLSLPVDVTLAVFAVGAQSTEGWDFLYSKYQFSLSSTEKSQIEFALCRTQNKEKLQWLLDESFKGD
KIKTQEFPQILTLIGRNPVGYPLAWQFLRKNWNKLVQKFELGSSSIAHMVMGTTNQFSTRTRLEEVKGFFSSLKENGSQL
RCVQQTIETIEENIGWMDKNFDKIRVWLQSEKLERMENLYFQ
;
_entity_poly.pdbx_strand_id   A
#
loop_
_chem_comp.id
_chem_comp.type
_chem_comp.name
_chem_comp.formula
A1IMJ non-polymer '1-[2-(6-bromanyl-3-oxidanylidene-1,4-benzoxazin-4-yl)ethanoylamino]-4,4-bis(fluoranyl)cyclohexane-1-carboxylic acid' 'C17 H17 Br F2 N2 O5'
EDO non-polymer 1,2-ETHANEDIOL 'C2 H6 O2'
PO4 non-polymer 'PHOSPHATE ION' 'O4 P -3'
ZN non-polymer 'ZINC ION' 'Zn 2'
#
# COMPACT_ATOMS: atom_id res chain seq x y z
N THR A 45 -8.57 16.82 39.78
CA THR A 45 -9.55 17.48 38.91
C THR A 45 -9.88 16.57 37.72
N PRO A 46 -11.15 16.14 37.59
CA PRO A 46 -11.52 15.27 36.47
C PRO A 46 -11.27 15.94 35.12
N PHE A 47 -10.96 15.14 34.09
CA PHE A 47 -10.69 15.72 32.77
C PHE A 47 -12.02 16.21 32.19
N PRO A 48 -12.11 17.46 31.72
CA PRO A 48 -13.41 17.99 31.30
C PRO A 48 -13.91 17.61 29.90
N TRP A 49 -13.52 16.44 29.37
CA TRP A 49 -14.03 16.01 28.06
C TRP A 49 -13.97 14.48 28.04
N ASN A 50 -15.05 13.81 27.62
CA ASN A 50 -15.10 12.34 27.68
C ASN A 50 -15.24 11.66 26.32
N LYS A 51 -14.84 12.32 25.23
CA LYS A 51 -15.00 11.73 23.90
C LYS A 51 -13.66 11.68 23.17
N ILE A 52 -13.48 10.67 22.32
CA ILE A 52 -12.28 10.53 21.51
C ILE A 52 -12.24 11.68 20.51
N ARG A 53 -13.38 12.03 19.90
CA ARG A 53 -13.41 13.17 18.99
C ARG A 53 -13.37 14.46 19.76
N LEU A 54 -12.71 15.46 19.18
CA LEU A 54 -12.62 16.77 19.84
C LEU A 54 -13.95 17.53 19.81
N PRO A 55 -14.13 18.52 20.70
CA PRO A 55 -15.31 19.39 20.60
C PRO A 55 -15.37 20.06 19.22
N GLU A 56 -16.58 20.33 18.73
CA GLU A 56 -16.73 20.96 17.42
C GLU A 56 -16.76 22.49 17.48
N TYR A 57 -16.84 23.09 18.69
CA TYR A 57 -17.05 24.53 18.80
C TYR A 57 -15.78 25.40 19.00
N VAL A 58 -14.56 24.83 19.00
CA VAL A 58 -13.35 25.63 19.05
C VAL A 58 -12.59 25.24 17.77
N ILE A 59 -12.32 26.21 16.92
CA ILE A 59 -11.77 25.94 15.60
C ILE A 59 -10.47 26.67 15.37
N PRO A 60 -9.41 25.99 14.90
CA PRO A 60 -8.19 26.73 14.54
C PRO A 60 -8.25 27.32 13.16
N VAL A 61 -7.52 28.41 12.95
CA VAL A 61 -7.40 29.05 11.63
C VAL A 61 -5.94 29.07 11.16
N HIS A 62 -4.99 29.13 12.10
CA HIS A 62 -3.58 29.27 11.71
C HIS A 62 -2.71 28.79 12.83
N TYR A 63 -1.62 28.12 12.48
CA TYR A 63 -0.61 27.70 13.48
C TYR A 63 0.72 28.29 13.13
N ASP A 64 1.45 28.73 14.15
CA ASP A 64 2.83 29.15 14.01
C ASP A 64 3.61 28.10 14.78
N LEU A 65 4.43 27.29 14.09
CA LEU A 65 5.14 26.20 14.77
C LEU A 65 6.60 26.52 14.79
N LEU A 66 7.18 26.63 15.98
CA LEU A 66 8.65 26.78 16.07
C LEU A 66 9.17 25.48 16.65
N ILE A 67 10.11 24.84 15.96
CA ILE A 67 10.68 23.57 16.40
C ILE A 67 12.19 23.70 16.44
N HIS A 68 12.82 23.29 17.55
CA HIS A 68 14.26 23.23 17.69
C HIS A 68 14.60 21.76 17.98
N ALA A 69 15.27 21.07 17.06
CA ALA A 69 15.65 19.69 17.32
C ALA A 69 17.16 19.62 17.54
N GLN A 70 17.56 18.94 18.61
CA GLN A 70 18.94 18.78 18.97
C GLN A 70 19.28 17.37 18.59
N LEU A 71 19.90 17.18 17.43
CA LEU A 71 20.16 15.84 16.91
C LEU A 71 21.27 15.10 17.68
N THR A 72 22.09 15.82 18.46
CA THR A 72 23.11 15.17 19.30
C THR A 72 22.50 14.50 20.56
N THR A 73 21.37 15.01 21.09
CA THR A 73 20.74 14.41 22.27
C THR A 73 19.35 13.77 21.99
N LEU A 74 18.87 13.95 20.77
CA LEU A 74 17.55 13.46 20.33
C LEU A 74 16.40 14.13 21.06
N THR A 75 16.63 15.33 21.63
CA THR A 75 15.55 16.07 22.29
C THR A 75 15.10 17.16 21.31
N PHE A 76 13.81 17.53 21.39
CA PHE A 76 13.34 18.66 20.64
C PHE A 76 12.48 19.51 21.53
N TRP A 77 12.40 20.77 21.19
CA TRP A 77 11.56 21.72 21.90
C TRP A 77 10.76 22.47 20.90
N GLY A 78 9.56 22.85 21.29
CA GLY A 78 8.75 23.65 20.41
C GLY A 78 7.95 24.74 21.11
N THR A 79 7.52 25.72 20.33
CA THR A 79 6.54 26.70 20.73
C THR A 79 5.48 26.66 19.65
N THR A 80 4.25 26.29 20.00
CA THR A 80 3.15 26.29 19.04
C THR A 80 2.22 27.44 19.38
N LYS A 81 1.85 28.24 18.39
CA LYS A 81 0.90 29.34 18.61
C LYS A 81 -0.25 29.04 17.66
N VAL A 82 -1.46 28.86 18.17
CA VAL A 82 -2.60 28.50 17.31
C VAL A 82 -3.69 29.53 17.47
N GLU A 83 -4.06 30.15 16.37
CA GLU A 83 -5.12 31.15 16.37
CA GLU A 83 -5.11 31.15 16.33
C GLU A 83 -6.45 30.39 16.25
N ILE A 84 -7.35 30.61 17.19
CA ILE A 84 -8.62 29.95 17.27
C ILE A 84 -9.79 30.88 17.42
N THR A 85 -10.99 30.37 17.14
CA THR A 85 -12.23 31.09 17.46
C THR A 85 -13.18 30.07 18.10
N ALA A 86 -14.02 30.55 19.03
CA ALA A 86 -15.01 29.70 19.68
C ALA A 86 -16.41 30.10 19.19
N SER A 87 -17.27 29.14 18.83
CA SER A 87 -18.65 29.48 18.42
C SER A 87 -19.67 29.37 19.58
N GLN A 88 -19.20 28.97 20.76
CA GLN A 88 -20.01 28.91 21.97
C GLN A 88 -19.11 29.26 23.13
N PRO A 89 -19.62 29.95 24.17
CA PRO A 89 -18.75 30.34 25.28
C PRO A 89 -18.15 29.10 25.94
N THR A 90 -16.85 29.14 26.15
CA THR A 90 -16.14 28.07 26.83
C THR A 90 -14.95 28.65 27.55
N SER A 91 -14.59 28.08 28.69
CA SER A 91 -13.35 28.43 29.36
C SER A 91 -12.30 27.30 29.19
N THR A 92 -12.62 26.28 28.36
CA THR A 92 -11.80 25.11 28.21
C THR A 92 -11.54 24.82 26.76
N ILE A 93 -10.27 24.62 26.44
CA ILE A 93 -9.87 24.25 25.09
C ILE A 93 -9.31 22.83 25.15
N ILE A 94 -9.89 21.93 24.35
CA ILE A 94 -9.37 20.56 24.30
C ILE A 94 -8.60 20.39 23.02
N LEU A 95 -7.42 19.81 23.10
CA LEU A 95 -6.72 19.50 21.85
C LEU A 95 -5.84 18.31 22.04
N HIS A 96 -5.19 17.86 20.96
CA HIS A 96 -4.42 16.64 21.02
C HIS A 96 -2.96 16.88 21.38
N SER A 97 -2.38 15.95 22.11
CA SER A 97 -0.96 16.02 22.46
C SER A 97 -0.60 14.60 22.93
N HIS A 98 0.54 14.06 22.48
CA HIS A 98 0.92 12.69 22.88
C HIS A 98 2.44 12.65 23.07
N HIS A 99 2.86 12.30 24.28
CA HIS A 99 4.28 12.20 24.64
C HIS A 99 5.00 13.54 24.59
N LEU A 100 4.28 14.66 24.75
CA LEU A 100 4.95 15.96 24.81
C LEU A 100 4.89 16.47 26.25
N GLN A 101 5.98 17.04 26.75
CA GLN A 101 6.01 17.59 28.10
C GLN A 101 5.72 19.08 28.00
N ILE A 102 4.53 19.53 28.40
CA ILE A 102 4.15 20.93 28.27
C ILE A 102 4.70 21.71 29.45
N SER A 103 5.47 22.75 29.20
CA SER A 103 6.01 23.55 30.30
C SER A 103 5.18 24.76 30.62
N ARG A 104 4.46 25.31 29.65
CA ARG A 104 3.67 26.52 29.90
C ARG A 104 2.66 26.67 28.77
N ALA A 105 1.45 27.15 29.08
CA ALA A 105 0.42 27.46 28.11
C ALA A 105 -0.21 28.79 28.50
N THR A 106 -0.41 29.66 27.51
CA THR A 106 -1.02 30.97 27.74
CA THR A 106 -0.97 30.99 27.74
C THR A 106 -2.02 31.29 26.64
N LEU A 107 -3.01 32.12 26.96
CA LEU A 107 -4.03 32.50 26.01
C LEU A 107 -3.86 33.98 25.75
N ARG A 108 -3.60 34.36 24.52
CA ARG A 108 -3.50 35.73 24.11
C ARG A 108 -4.76 36.21 23.40
N LYS A 109 -5.05 37.49 23.53
CA LYS A 109 -6.14 38.18 22.87
C LYS A 109 -5.58 39.56 22.46
N GLY A 110 -5.76 39.95 21.21
CA GLY A 110 -5.31 41.23 20.69
C GLY A 110 -3.86 41.28 20.23
N ALA A 111 -3.43 42.42 19.70
CA ALA A 111 -2.05 42.57 19.23
C ALA A 111 -1.43 43.89 19.70
N GLY A 112 -0.11 43.91 19.81
CA GLY A 112 0.63 45.09 20.24
C GLY A 112 0.10 45.75 21.50
N GLU A 113 -0.40 46.99 21.36
CA GLU A 113 -0.96 47.85 22.41
C GLU A 113 -2.09 47.20 23.23
N ARG A 114 -2.97 46.43 22.57
CA ARG A 114 -4.11 45.84 23.27
C ARG A 114 -3.93 44.39 23.65
N LEU A 115 -2.71 43.83 23.56
CA LEU A 115 -2.50 42.43 23.92
C LEU A 115 -2.78 42.18 25.38
N SER A 116 -3.46 41.11 25.63
CA SER A 116 -3.77 40.65 26.95
C SER A 116 -3.40 39.19 26.95
N GLU A 117 -2.73 38.74 27.98
CA GLU A 117 -2.36 37.36 28.13
C GLU A 117 -2.99 36.83 29.39
N GLU A 118 -3.31 35.57 29.40
CA GLU A 118 -3.84 34.88 30.54
C GLU A 118 -3.18 33.54 30.63
N PRO A 119 -2.61 33.16 31.77
CA PRO A 119 -2.04 31.82 31.88
C PRO A 119 -3.14 30.77 31.80
N LEU A 120 -2.84 29.63 31.21
CA LEU A 120 -3.79 28.52 31.15
C LEU A 120 -3.32 27.41 32.05
N GLN A 121 -4.26 26.72 32.71
CA GLN A 121 -3.97 25.55 33.51
C GLN A 121 -4.03 24.37 32.54
N VAL A 122 -3.07 23.45 32.63
CA VAL A 122 -3.00 22.32 31.73
C VAL A 122 -3.40 21.02 32.41
N LEU A 123 -4.33 20.28 31.81
CA LEU A 123 -4.75 18.94 32.27
C LEU A 123 -4.47 17.96 31.12
N GLU A 124 -4.16 16.68 31.43
CA GLU A 124 -3.86 15.71 30.39
C GLU A 124 -4.65 14.46 30.54
N HIS A 125 -5.11 13.90 29.41
CA HIS A 125 -5.78 12.62 29.39
C HIS A 125 -4.99 11.76 28.40
N PRO A 126 -3.94 11.09 28.87
CA PRO A 126 -3.08 10.33 27.93
C PRO A 126 -3.78 9.24 27.11
N ARG A 127 -4.78 8.55 27.68
CA ARG A 127 -5.47 7.50 26.93
C ARG A 127 -6.25 8.09 25.74
N GLN A 128 -6.84 9.28 25.92
CA GLN A 128 -7.56 9.93 24.81
C GLN A 128 -6.58 10.79 23.93
N GLU A 129 -5.28 10.85 24.31
CA GLU A 129 -4.25 11.65 23.64
C GLU A 129 -4.66 13.11 23.58
N GLN A 130 -5.29 13.59 24.67
CA GLN A 130 -5.76 14.96 24.74
C GLN A 130 -5.17 15.73 25.90
N ILE A 131 -5.18 17.04 25.77
CA ILE A 131 -4.90 17.97 26.85
C ILE A 131 -6.06 18.98 26.92
N ALA A 132 -6.27 19.54 28.11
CA ALA A 132 -7.29 20.55 28.33
C ALA A 132 -6.59 21.78 28.86
N LEU A 133 -6.88 22.93 28.28
CA LEU A 133 -6.33 24.22 28.67
C LEU A 133 -7.46 25.03 29.25
N LEU A 134 -7.30 25.44 30.51
CA LEU A 134 -8.38 26.12 31.25
C LEU A 134 -8.07 27.59 31.44
N ALA A 135 -8.94 28.48 30.95
CA ALA A 135 -8.74 29.92 31.03
C ALA A 135 -9.40 30.48 32.29
N PRO A 136 -8.92 31.62 32.80
CA PRO A 136 -9.53 32.20 34.02
C PRO A 136 -10.88 32.89 33.81
N GLU A 137 -11.30 33.03 32.55
CA GLU A 137 -12.58 33.65 32.15
C GLU A 137 -12.98 33.08 30.80
N PRO A 138 -14.27 33.05 30.48
CA PRO A 138 -14.68 32.46 29.20
C PRO A 138 -14.19 33.22 27.98
N LEU A 139 -14.01 32.49 26.87
CA LEU A 139 -13.61 33.11 25.62
C LEU A 139 -14.86 33.81 25.06
N LEU A 140 -14.67 34.97 24.44
CA LEU A 140 -15.80 35.68 23.83
C LEU A 140 -16.05 35.04 22.45
N VAL A 141 -17.29 34.69 22.18
CA VAL A 141 -17.70 34.04 20.95
C VAL A 141 -17.35 34.86 19.71
N GLY A 142 -16.77 34.18 18.72
CA GLY A 142 -16.43 34.77 17.44
C GLY A 142 -15.22 35.69 17.42
N LEU A 143 -14.56 35.90 18.58
CA LEU A 143 -13.38 36.78 18.64
C LEU A 143 -12.12 35.92 18.53
N PRO A 144 -11.08 36.41 17.84
CA PRO A 144 -9.86 35.64 17.71
C PRO A 144 -9.00 35.61 18.98
N TYR A 145 -8.48 34.45 19.30
CA TYR A 145 -7.54 34.25 20.38
C TYR A 145 -6.36 33.46 19.87
N THR A 146 -5.26 33.52 20.58
CA THR A 146 -4.08 32.71 20.21
C THR A 146 -3.65 31.88 21.39
N VAL A 147 -3.63 30.56 21.29
CA VAL A 147 -3.15 29.71 22.35
C VAL A 147 -1.65 29.55 22.12
N VAL A 148 -0.82 29.75 23.16
CA VAL A 148 0.63 29.63 23.01
C VAL A 148 1.08 28.55 23.96
N ILE A 149 1.69 27.50 23.41
CA ILE A 149 2.14 26.37 24.19
C ILE A 149 3.63 26.11 23.99
N HIS A 150 4.37 26.06 25.12
CA HIS A 150 5.78 25.69 25.08
C HIS A 150 5.91 24.26 25.60
N TYR A 151 6.70 23.45 24.88
CA TYR A 151 6.82 22.03 25.24
C TYR A 151 8.13 21.43 24.79
N ALA A 152 8.35 20.21 25.23
CA ALA A 152 9.53 19.47 24.86
C ALA A 152 9.13 18.03 24.54
N GLY A 153 9.97 17.38 23.75
CA GLY A 153 9.78 15.96 23.47
C GLY A 153 11.08 15.27 23.14
N GLN A 154 10.99 13.97 22.96
CA GLN A 154 12.15 13.20 22.53
C GLN A 154 11.83 12.71 21.13
N LEU A 155 12.82 12.73 20.21
CA LEU A 155 12.60 12.20 18.85
C LEU A 155 12.17 10.73 18.96
N SER A 156 11.15 10.38 18.20
CA SER A 156 10.66 9.02 18.24
C SER A 156 11.70 8.04 17.71
N GLU A 157 11.71 6.86 18.32
CA GLU A 157 12.52 5.77 17.82
C GLU A 157 11.66 4.80 16.99
N THR A 158 10.44 5.23 16.61
CA THR A 158 9.55 4.50 15.69
C THR A 158 9.73 5.10 14.29
N PHE A 159 8.80 4.81 13.38
CA PHE A 159 8.78 5.40 12.04
C PHE A 159 7.67 6.44 11.92
N HIS A 160 7.15 6.94 13.07
CA HIS A 160 6.10 7.93 13.05
C HIS A 160 6.38 9.06 14.04
N GLY A 161 5.63 10.14 13.88
CA GLY A 161 5.88 11.36 14.62
C GLY A 161 7.12 12.04 14.06
N PHE A 162 7.86 12.72 14.91
CA PHE A 162 9.10 13.39 14.51
C PHE A 162 10.15 12.43 14.96
N TYR A 163 10.73 11.68 14.01
CA TYR A 163 11.50 10.50 14.33
C TYR A 163 12.91 10.52 13.82
N LYS A 164 13.76 9.71 14.44
CA LYS A 164 15.17 9.66 14.08
C LYS A 164 15.38 8.66 12.95
N SER A 165 16.20 9.05 11.99
CA SER A 165 16.58 8.17 10.89
C SER A 165 18.14 8.23 10.77
N THR A 166 18.77 7.11 10.39
CA THR A 166 20.24 7.09 10.32
C THR A 166 20.70 6.38 9.08
N TYR A 167 21.95 6.66 8.70
CA TYR A 167 22.57 5.91 7.63
C TYR A 167 24.06 5.97 7.82
N ARG A 168 24.81 5.13 7.11
CA ARG A 168 26.26 5.17 7.20
C ARG A 168 26.80 5.66 5.85
N THR A 169 27.76 6.60 5.86
CA THR A 169 28.36 7.02 4.57
C THR A 169 29.20 5.87 4.00
N LYS A 170 29.47 5.90 2.69
CA LYS A 170 30.33 4.89 2.08
C LYS A 170 31.73 4.86 2.72
N GLU A 171 32.10 5.90 3.46
CA GLU A 171 33.31 6.06 4.25
C GLU A 171 33.20 5.48 5.69
N GLY A 172 32.02 4.96 6.08
CA GLY A 172 31.76 4.34 7.38
C GLY A 172 31.17 5.19 8.51
N GLU A 173 30.98 6.50 8.28
CA GLU A 173 30.49 7.40 9.32
C GLU A 173 28.98 7.32 9.55
N LEU A 174 28.53 7.20 10.80
CA LEU A 174 27.09 7.20 11.09
C LEU A 174 26.54 8.65 11.05
N ARG A 175 25.48 8.87 10.28
CA ARG A 175 24.86 10.16 10.17
C ARG A 175 23.45 10.03 10.74
N ILE A 176 23.00 11.05 11.45
CA ILE A 176 21.67 11.09 12.05
C ILE A 176 20.90 12.22 11.43
N LEU A 177 19.65 11.92 11.06
CA LEU A 177 18.72 12.95 10.57
C LEU A 177 17.38 12.83 11.32
N ALA A 178 16.49 13.81 11.12
CA ALA A 178 15.17 13.73 11.78
C ALA A 178 14.15 14.08 10.72
N SER A 179 13.11 13.29 10.67
CA SER A 179 12.07 13.42 9.65
C SER A 179 10.69 13.21 10.28
N THR A 180 9.63 13.52 9.55
CA THR A 180 8.29 13.36 10.09
C THR A 180 7.48 12.39 9.29
N GLN A 181 6.53 11.74 10.00
CA GLN A 181 5.49 10.95 9.35
C GLN A 181 4.26 11.06 10.26
N PHE A 182 3.25 11.83 9.86
CA PHE A 182 2.11 12.12 10.72
C PHE A 182 0.86 11.37 10.41
N GLU A 183 0.67 10.99 9.14
CA GLU A 183 -0.61 10.33 8.85
C GLU A 183 -0.69 8.93 9.45
N PRO A 184 -1.80 8.61 10.16
CA PRO A 184 -3.00 9.44 10.37
C PRO A 184 -2.98 10.38 11.60
N THR A 185 -2.54 9.90 12.78
CA THR A 185 -2.78 10.66 14.03
C THR A 185 -1.48 10.98 14.79
N ALA A 186 -0.34 11.15 14.08
CA ALA A 186 0.92 11.38 14.78
C ALA A 186 1.38 12.84 14.77
N ALA A 187 0.64 13.79 14.15
CA ALA A 187 1.06 15.21 14.25
C ALA A 187 1.11 15.65 15.72
N ARG A 188 0.17 15.12 16.51
CA ARG A 188 0.07 15.38 17.95
C ARG A 188 1.30 14.92 18.75
N MET A 189 2.18 14.11 18.13
CA MET A 189 3.43 13.69 18.78
C MET A 189 4.55 14.69 18.50
N ALA A 190 4.33 15.67 17.61
CA ALA A 190 5.34 16.66 17.29
C ALA A 190 4.94 18.05 17.75
N PHE A 191 3.61 18.35 17.76
CA PHE A 191 3.14 19.66 18.21
C PHE A 191 1.70 19.48 18.66
N PRO A 192 1.30 20.15 19.73
CA PRO A 192 -0.10 20.06 20.18
C PRO A 192 -0.99 20.71 19.11
N CYS A 193 -2.11 20.08 18.81
CA CYS A 193 -2.96 20.57 17.70
C CYS A 193 -4.35 19.97 17.74
N PHE A 194 -5.23 20.47 16.89
CA PHE A 194 -6.55 19.90 16.70
C PHE A 194 -6.33 18.86 15.60
N ASP A 195 -5.99 17.67 16.01
CA ASP A 195 -5.44 16.67 15.09
C ASP A 195 -6.48 15.75 14.52
N GLU A 196 -7.44 16.32 13.78
CA GLU A 196 -8.44 15.59 12.99
C GLU A 196 -8.47 16.30 11.63
N PRO A 197 -8.63 15.51 10.55
CA PRO A 197 -8.47 16.08 9.20
C PRO A 197 -9.39 17.17 8.77
N ALA A 198 -10.58 17.32 9.39
CA ALA A 198 -11.50 18.39 9.02
C ALA A 198 -11.18 19.74 9.72
N PHE A 199 -10.24 19.77 10.69
CA PHE A 199 -9.85 21.06 11.30
C PHE A 199 -8.70 21.65 10.44
N LYS A 200 -9.00 22.10 9.21
CA LYS A 200 -7.92 22.59 8.33
C LYS A 200 -7.48 23.95 8.78
N ALA A 201 -6.23 24.27 8.53
CA ALA A 201 -5.68 25.56 8.96
C ALA A 201 -4.42 25.84 8.12
N SER A 202 -3.92 27.08 8.14
CA SER A 202 -2.64 27.37 7.52
C SER A 202 -1.53 27.20 8.56
N PHE A 203 -0.31 26.89 8.08
CA PHE A 203 0.82 26.65 9.00
C PHE A 203 2.05 27.47 8.62
N SER A 204 2.62 28.20 9.57
CA SER A 204 3.87 28.90 9.35
C SER A 204 4.90 28.17 10.21
N ILE A 205 5.89 27.53 9.57
CA ILE A 205 6.88 26.71 10.23
C ILE A 205 8.23 27.35 10.31
N LYS A 206 8.86 27.25 11.47
CA LYS A 206 10.18 27.79 11.71
C LYS A 206 10.97 26.68 12.37
N ILE A 207 12.16 26.42 11.87
CA ILE A 207 13.01 25.35 12.38
C ILE A 207 14.36 25.90 12.88
N ARG A 208 14.73 25.65 14.13
CA ARG A 208 16.05 26.07 14.62
C ARG A 208 16.94 24.84 14.49
N ARG A 209 18.09 24.99 13.88
CA ARG A 209 18.98 23.89 13.60
C ARG A 209 20.43 24.34 13.66
N GLU A 210 21.31 23.36 13.65
CA GLU A 210 22.74 23.64 13.60
C GLU A 210 23.09 24.06 12.17
N PRO A 211 24.13 24.88 12.01
CA PRO A 211 24.55 25.27 10.65
C PRO A 211 24.95 24.09 9.74
N ARG A 212 25.40 22.97 10.33
CA ARG A 212 25.82 21.81 9.51
C ARG A 212 24.66 21.05 8.88
N HIS A 213 23.40 21.36 9.29
CA HIS A 213 22.25 20.69 8.73
C HIS A 213 21.43 21.58 7.79
N LEU A 214 20.67 20.95 6.93
CA LEU A 214 19.72 21.61 6.06
C LEU A 214 18.34 21.28 6.61
N ALA A 215 17.42 22.23 6.61
CA ALA A 215 16.02 21.93 6.96
C ALA A 215 15.15 22.19 5.73
N ILE A 216 14.18 21.29 5.48
CA ILE A 216 13.18 21.51 4.44
C ILE A 216 11.79 21.26 5.05
N SER A 217 10.78 21.85 4.45
CA SER A 217 9.42 21.69 4.97
C SER A 217 8.44 21.78 3.82
N ASN A 218 7.15 21.94 4.10
CA ASN A 218 6.16 21.97 3.03
C ASN A 218 6.39 23.08 2.02
N MET A 219 6.71 24.29 2.52
CA MET A 219 6.82 25.48 1.68
C MET A 219 8.26 25.93 1.49
N PRO A 220 8.51 26.84 0.54
CA PRO A 220 9.87 27.37 0.37
C PRO A 220 10.42 28.06 1.59
N LEU A 221 11.73 28.00 1.71
CA LEU A 221 12.49 28.71 2.71
C LEU A 221 12.53 30.20 2.29
N VAL A 222 12.10 31.09 3.18
CA VAL A 222 12.08 32.52 2.83
C VAL A 222 13.17 33.30 3.52
N LYS A 223 13.68 32.83 4.66
CA LYS A 223 14.72 33.55 5.37
C LYS A 223 15.40 32.62 6.39
N SER A 224 16.71 32.80 6.60
CA SER A 224 17.46 32.08 7.64
C SER A 224 18.08 33.14 8.51
N VAL A 225 17.90 33.00 9.82
CA VAL A 225 18.38 34.02 10.75
C VAL A 225 19.31 33.40 11.77
N THR A 226 20.47 34.02 12.07
CA THR A 226 21.34 33.49 13.11
C THR A 226 20.70 33.81 14.45
N VAL A 227 20.54 32.81 15.33
CA VAL A 227 19.97 33.06 16.66
C VAL A 227 21.01 32.62 17.73
N ALA A 228 20.69 32.73 19.02
CA ALA A 228 21.62 32.43 20.09
C ALA A 228 22.17 31.01 20.08
N GLU A 229 23.38 30.87 20.67
CA GLU A 229 24.04 29.59 20.91
C GLU A 229 24.36 28.80 19.64
N GLY A 230 24.87 29.51 18.65
CA GLY A 230 25.33 28.97 17.37
C GLY A 230 24.28 28.28 16.50
N LEU A 231 23.00 28.69 16.60
CA LEU A 231 21.95 28.04 15.80
C LEU A 231 21.44 28.96 14.71
N ILE A 232 20.73 28.39 13.75
CA ILE A 232 20.11 29.16 12.68
C ILE A 232 18.64 28.84 12.68
N GLU A 233 17.79 29.85 12.53
CA GLU A 233 16.36 29.64 12.50
C GLU A 233 15.92 29.85 11.06
N ASP A 234 15.39 28.80 10.44
CA ASP A 234 14.88 28.89 9.09
C ASP A 234 13.38 29.22 9.13
N HIS A 235 12.93 30.12 8.27
CA HIS A 235 11.51 30.49 8.24
C HIS A 235 10.96 30.02 6.91
N PHE A 236 9.93 29.20 6.95
CA PHE A 236 9.26 28.74 5.74
C PHE A 236 7.99 29.53 5.48
N ASP A 237 7.63 29.71 4.19
CA ASP A 237 6.43 30.46 3.87
C ASP A 237 5.18 29.78 4.43
N VAL A 238 4.09 30.53 4.57
CA VAL A 238 2.87 29.97 5.10
C VAL A 238 2.24 28.99 4.13
N THR A 239 1.71 27.89 4.64
CA THR A 239 1.05 26.94 3.75
C THR A 239 -0.34 27.47 3.36
N VAL A 240 -0.93 26.81 2.34
CA VAL A 240 -2.34 26.97 2.08
C VAL A 240 -3.10 26.22 3.26
N LYS A 241 -4.44 26.35 3.31
CA LYS A 241 -5.23 25.66 4.33
C LYS A 241 -5.12 24.15 4.08
N MET A 242 -4.75 23.42 5.12
CA MET A 242 -4.57 21.98 4.97
C MET A 242 -4.71 21.26 6.32
N SER A 243 -4.78 19.93 6.26
CA SER A 243 -4.91 19.14 7.48
C SER A 243 -3.55 18.96 8.23
N THR A 244 -3.62 18.78 9.56
CA THR A 244 -2.40 18.62 10.38
C THR A 244 -1.55 17.46 9.92
N TYR A 245 -2.20 16.39 9.39
CA TYR A 245 -1.40 15.20 9.06
C TYR A 245 -0.41 15.45 7.89
N LEU A 246 -0.62 16.55 7.14
CA LEU A 246 0.23 16.83 5.96
C LEU A 246 1.44 17.72 6.28
N VAL A 247 1.55 18.25 7.52
CA VAL A 247 2.71 19.04 7.89
C VAL A 247 3.94 18.13 7.85
N ALA A 248 5.06 18.67 7.34
CA ALA A 248 6.28 17.92 7.28
C ALA A 248 7.50 18.78 7.44
N PHE A 249 8.53 18.18 8.00
CA PHE A 249 9.83 18.87 8.11
C PHE A 249 10.92 17.84 8.30
N ILE A 250 12.08 18.12 7.70
CA ILE A 250 13.20 17.18 7.72
C ILE A 250 14.46 17.98 8.00
N ILE A 251 15.31 17.48 8.90
CA ILE A 251 16.59 18.13 9.22
C ILE A 251 17.64 17.06 8.85
N SER A 252 18.51 17.39 7.88
CA SER A 252 19.37 16.34 7.32
C SER A 252 20.59 16.96 6.66
N ASP A 253 21.37 16.12 5.97
CA ASP A 253 22.46 16.64 5.16
C ASP A 253 22.19 16.26 3.68
N PHE A 254 20.92 16.17 3.27
CA PHE A 254 20.60 15.72 1.90
C PHE A 254 21.14 16.64 0.82
N GLU A 255 21.53 16.02 -0.28
CA GLU A 255 21.79 16.72 -1.54
C GLU A 255 20.45 16.79 -2.32
N SER A 256 20.39 17.62 -3.35
CA SER A 256 19.21 17.69 -4.18
C SER A 256 19.52 17.98 -5.62
N VAL A 257 18.54 17.67 -6.50
CA VAL A 257 18.52 18.01 -7.91
C VAL A 257 17.17 18.58 -8.21
N SER A 258 17.08 19.48 -9.22
CA SER A 258 15.80 20.10 -9.52
CA SER A 258 15.82 20.12 -9.51
C SER A 258 15.53 20.27 -10.99
N LYS A 259 14.26 20.51 -11.30
CA LYS A 259 13.80 20.77 -12.66
C LYS A 259 12.48 21.56 -12.52
N ILE A 260 12.23 22.50 -13.44
CA ILE A 260 11.03 23.33 -13.36
C ILE A 260 9.99 22.83 -14.32
N THR A 261 8.70 22.77 -13.90
CA THR A 261 7.64 22.35 -14.82
C THR A 261 7.32 23.51 -15.80
N LYS A 262 6.51 23.21 -16.84
CA LYS A 262 6.01 24.22 -17.76
C LYS A 262 5.20 25.31 -16.99
N SER A 263 4.54 24.96 -15.86
CA SER A 263 3.77 25.92 -15.06
C SER A 263 4.63 26.73 -14.09
N GLY A 264 5.94 26.49 -14.02
CA GLY A 264 6.81 27.25 -13.15
C GLY A 264 7.03 26.64 -11.77
N VAL A 265 6.55 25.41 -11.53
CA VAL A 265 6.76 24.76 -10.21
C VAL A 265 8.18 24.18 -10.14
N LYS A 266 8.92 24.48 -9.08
CA LYS A 266 10.25 23.91 -8.93
C LYS A 266 10.12 22.51 -8.29
N VAL A 267 10.46 21.45 -9.01
CA VAL A 267 10.42 20.08 -8.48
C VAL A 267 11.83 19.69 -8.13
N SER A 268 12.03 19.12 -6.95
CA SER A 268 13.34 18.67 -6.53
C SER A 268 13.24 17.28 -5.93
N VAL A 269 14.32 16.52 -6.10
CA VAL A 269 14.49 15.25 -5.42
C VAL A 269 15.63 15.45 -4.41
N TYR A 270 15.41 14.98 -3.17
CA TYR A 270 16.42 15.04 -2.11
C TYR A 270 16.78 13.64 -1.70
N ALA A 271 18.07 13.41 -1.44
CA ALA A 271 18.53 12.11 -1.02
C ALA A 271 19.89 12.26 -0.36
N VAL A 272 20.36 11.19 0.31
CA VAL A 272 21.67 11.24 0.92
C VAL A 272 22.73 11.49 -0.19
N PRO A 273 23.82 12.20 0.14
CA PRO A 273 24.83 12.50 -0.91
C PRO A 273 25.28 11.28 -1.73
N ASP A 274 25.47 10.11 -1.11
CA ASP A 274 25.96 8.95 -1.84
C ASP A 274 24.93 8.37 -2.82
N LYS A 275 23.67 8.83 -2.77
CA LYS A 275 22.57 8.33 -3.62
C LYS A 275 21.87 9.37 -4.49
N ILE A 276 22.29 10.65 -4.43
CA ILE A 276 21.62 11.68 -5.28
C ILE A 276 21.83 11.36 -6.77
N ASN A 277 22.92 10.64 -7.11
CA ASN A 277 23.12 10.24 -8.51
C ASN A 277 22.06 9.27 -9.02
N GLN A 278 21.18 8.74 -8.14
CA GLN A 278 20.08 7.89 -8.54
C GLN A 278 18.76 8.63 -8.62
N ALA A 279 18.77 9.98 -8.51
CA ALA A 279 17.52 10.75 -8.48
C ALA A 279 16.92 11.16 -9.81
N ASP A 280 17.67 11.05 -10.92
CA ASP A 280 17.15 11.64 -12.17
C ASP A 280 15.88 11.03 -12.69
N TYR A 281 15.71 9.69 -12.59
CA TYR A 281 14.52 9.08 -13.12
C TYR A 281 13.25 9.62 -12.45
N ALA A 282 13.27 9.67 -11.12
CA ALA A 282 12.10 10.15 -10.39
C ALA A 282 11.90 11.61 -10.61
N LEU A 283 12.97 12.40 -10.75
CA LEU A 283 12.81 13.85 -10.97
C LEU A 283 12.05 14.09 -12.30
N ASP A 284 12.47 13.37 -13.35
CA ASP A 284 11.86 13.51 -14.66
C ASP A 284 10.44 13.00 -14.63
N ALA A 285 10.19 11.87 -13.94
CA ALA A 285 8.82 11.35 -13.84
C ALA A 285 7.95 12.30 -13.08
N ALA A 286 8.44 12.86 -11.95
CA ALA A 286 7.61 13.79 -11.16
C ALA A 286 7.21 15.03 -11.97
N VAL A 287 8.15 15.59 -12.75
CA VAL A 287 7.80 16.75 -13.59
C VAL A 287 6.68 16.38 -14.60
N THR A 288 6.86 15.27 -15.31
CA THR A 288 5.88 14.83 -16.31
C THR A 288 4.54 14.54 -15.66
N LEU A 289 4.53 13.87 -14.50
CA LEU A 289 3.28 13.55 -13.83
C LEU A 289 2.59 14.78 -13.25
N LEU A 290 3.35 15.74 -12.65
CA LEU A 290 2.71 16.95 -12.10
C LEU A 290 2.03 17.74 -13.24
N GLU A 291 2.71 17.84 -14.39
CA GLU A 291 2.15 18.50 -15.57
C GLU A 291 0.90 17.77 -16.05
N PHE A 292 0.93 16.43 -16.01
CA PHE A 292 -0.20 15.65 -16.44
C PHE A 292 -1.42 15.98 -15.57
N TYR A 293 -1.24 15.94 -14.24
CA TYR A 293 -2.36 16.14 -13.35
C TYR A 293 -2.90 17.57 -13.43
N GLU A 294 -2.01 18.57 -13.55
CA GLU A 294 -2.48 19.96 -13.66
C GLU A 294 -3.40 20.13 -14.86
N ASP A 295 -3.07 19.48 -15.96
CA ASP A 295 -3.87 19.57 -17.19
C ASP A 295 -5.11 18.72 -17.11
N TYR A 296 -5.00 17.54 -16.52
CA TYR A 296 -6.11 16.62 -16.46
C TYR A 296 -7.18 17.17 -15.55
N PHE A 297 -6.80 17.66 -14.36
CA PHE A 297 -7.80 18.16 -13.42
C PHE A 297 -8.25 19.57 -13.69
N SER A 298 -7.55 20.33 -14.56
CA SER A 298 -7.82 21.75 -14.80
C SER A 298 -7.64 22.61 -13.55
N ILE A 299 -6.83 22.13 -12.60
CA ILE A 299 -6.59 22.83 -11.35
C ILE A 299 -5.10 22.87 -11.16
N PRO A 300 -4.49 24.04 -11.23
CA PRO A 300 -3.04 24.11 -11.07
C PRO A 300 -2.57 23.60 -9.72
N TYR A 301 -1.33 23.10 -9.66
CA TYR A 301 -0.72 22.78 -8.36
C TYR A 301 -0.47 24.17 -7.69
N PRO A 302 -0.91 24.34 -6.42
CA PRO A 302 -0.94 25.69 -5.85
C PRO A 302 0.29 26.21 -5.17
N LEU A 303 1.32 25.34 -5.01
CA LEU A 303 2.49 25.76 -4.25
C LEU A 303 3.65 26.06 -5.19
N PRO A 304 4.65 26.84 -4.73
CA PRO A 304 5.75 27.19 -5.65
C PRO A 304 6.69 26.04 -5.96
N LYS A 305 6.71 25.04 -5.08
CA LYS A 305 7.63 23.94 -5.27
C LYS A 305 7.05 22.63 -4.82
N GLN A 306 7.67 21.53 -5.27
CA GLN A 306 7.28 20.20 -4.82
C GLN A 306 8.57 19.41 -4.65
N ASP A 307 8.81 18.93 -3.45
CA ASP A 307 9.98 18.12 -3.14
C ASP A 307 9.63 16.68 -2.95
N LEU A 308 10.54 15.80 -3.36
CA LEU A 308 10.41 14.35 -3.22
C LEU A 308 11.65 13.91 -2.48
N ALA A 309 11.53 13.48 -1.20
CA ALA A 309 12.69 13.13 -0.40
C ALA A 309 12.77 11.67 -0.09
N ALA A 310 13.95 11.09 -0.32
CA ALA A 310 14.19 9.67 -0.06
C ALA A 310 14.74 9.51 1.35
N ILE A 311 13.95 8.94 2.24
CA ILE A 311 14.34 8.85 3.65
C ILE A 311 14.99 7.51 3.96
N PRO A 312 16.16 7.49 4.62
CA PRO A 312 16.84 6.20 4.91
C PRO A 312 16.02 5.20 5.71
N ASP A 313 15.12 5.64 6.54
CA ASP A 313 14.24 4.74 7.33
C ASP A 313 12.82 5.24 7.14
N PHE A 314 11.94 4.38 6.63
CA PHE A 314 10.59 4.78 6.34
C PHE A 314 9.73 3.53 6.40
N GLN A 315 8.55 3.61 7.04
CA GLN A 315 7.72 2.41 7.23
C GLN A 315 6.91 2.02 6.05
N SER A 316 6.07 2.91 5.52
CA SER A 316 5.26 2.56 4.35
C SER A 316 6.13 2.78 3.09
N GLY A 317 5.53 2.88 1.92
CA GLY A 317 6.28 3.08 0.70
C GLY A 317 6.60 4.56 0.57
N ALA A 318 5.60 5.44 0.88
CA ALA A 318 5.78 6.88 0.63
C ALA A 318 4.64 7.62 1.35
N MET A 319 4.69 8.98 1.36
CA MET A 319 3.67 9.81 2.02
C MET A 319 3.55 11.12 1.25
N GLU A 320 2.34 11.62 1.12
CA GLU A 320 2.01 12.74 0.26
C GLU A 320 2.03 14.10 0.88
N ASN A 321 2.87 14.38 1.90
CA ASN A 321 2.88 15.71 2.55
C ASN A 321 2.96 16.81 1.49
N TRP A 322 2.10 17.82 1.62
CA TRP A 322 1.90 18.81 0.55
C TRP A 322 3.16 19.63 0.35
N GLY A 323 3.78 19.56 -0.81
CA GLY A 323 5.04 20.29 -1.03
C GLY A 323 6.27 19.52 -0.64
N LEU A 324 6.11 18.41 0.12
CA LEU A 324 7.28 17.64 0.58
C LEU A 324 6.87 16.16 0.71
N THR A 325 6.80 15.48 -0.44
CA THR A 325 6.45 14.06 -0.41
C THR A 325 7.69 13.30 -0.01
N THR A 326 7.50 12.20 0.74
CA THR A 326 8.60 11.41 1.29
C THR A 326 8.47 9.98 0.83
N TYR A 327 9.61 9.28 0.74
CA TYR A 327 9.62 7.95 0.19
C TYR A 327 10.63 7.09 0.89
N ARG A 328 10.40 5.75 0.83
CA ARG A 328 11.49 4.81 1.10
C ARG A 328 12.48 5.00 -0.07
N GLU A 329 13.78 4.82 0.19
CA GLU A 329 14.78 4.96 -0.89
C GLU A 329 14.44 4.00 -2.04
N SER A 330 13.94 2.80 -1.72
CA SER A 330 13.57 1.84 -2.77
C SER A 330 12.40 2.26 -3.63
N ALA A 331 11.55 3.16 -3.12
CA ALA A 331 10.41 3.64 -3.88
C ALA A 331 10.69 4.88 -4.73
N LEU A 332 11.94 5.41 -4.72
CA LEU A 332 12.25 6.62 -5.43
C LEU A 332 13.51 6.57 -6.25
N LEU A 333 14.52 5.87 -5.75
CA LEU A 333 15.85 5.90 -6.34
C LEU A 333 16.09 4.77 -7.33
N PHE A 334 16.57 5.16 -8.52
CA PHE A 334 16.77 4.24 -9.62
C PHE A 334 18.22 4.25 -10.08
N ASP A 335 18.83 3.04 -10.10
CA ASP A 335 20.22 2.84 -10.56
C ASP A 335 20.11 2.15 -11.93
N ALA A 336 20.39 2.85 -13.02
CA ALA A 336 20.24 2.30 -14.38
C ALA A 336 20.94 0.97 -14.59
N GLU A 337 21.96 0.66 -13.77
CA GLU A 337 22.70 -0.59 -13.95
C GLU A 337 22.26 -1.72 -13.07
N LYS A 338 21.61 -1.44 -11.94
CA LYS A 338 21.27 -2.49 -10.98
C LYS A 338 19.78 -2.58 -10.65
N SER A 339 19.01 -1.54 -10.96
CA SER A 339 17.58 -1.56 -10.66
C SER A 339 16.82 -2.49 -11.58
N SER A 340 15.80 -3.17 -11.02
CA SER A 340 14.99 -4.10 -11.83
C SER A 340 13.96 -3.35 -12.66
N ALA A 341 13.31 -4.05 -13.60
CA ALA A 341 12.21 -3.48 -14.38
C ALA A 341 11.03 -3.24 -13.42
N SER A 342 10.79 -4.16 -12.49
CA SER A 342 9.68 -3.97 -11.52
C SER A 342 9.93 -2.76 -10.63
N SER A 343 11.20 -2.46 -10.29
CA SER A 343 11.44 -1.27 -9.45
C SER A 343 11.23 0.02 -10.24
N LYS A 344 11.52 0.05 -11.52
CA LYS A 344 11.29 1.21 -12.37
C LYS A 344 9.77 1.46 -12.43
N LEU A 345 8.98 0.42 -12.61
CA LEU A 345 7.52 0.52 -12.62
C LEU A 345 7.04 1.00 -11.23
N GLY A 346 7.58 0.41 -10.18
CA GLY A 346 7.20 0.81 -8.83
C GLY A 346 7.49 2.26 -8.54
N ILE A 347 8.67 2.76 -8.94
CA ILE A 347 8.97 4.19 -8.70
C ILE A 347 7.97 5.07 -9.44
N THR A 348 7.72 4.74 -10.74
CA THR A 348 6.80 5.57 -11.50
C THR A 348 5.39 5.58 -10.89
N MET A 349 4.93 4.43 -10.45
CA MET A 349 3.59 4.34 -9.86
C MET A 349 3.55 5.02 -8.49
N THR A 350 4.61 4.90 -7.72
CA THR A 350 4.63 5.54 -6.39
C THR A 350 4.62 7.06 -6.51
N VAL A 351 5.47 7.59 -7.40
CA VAL A 351 5.47 9.05 -7.64
C VAL A 351 4.08 9.50 -8.16
N ALA A 352 3.48 8.70 -9.07
CA ALA A 352 2.16 9.06 -9.58
C ALA A 352 1.11 9.07 -8.47
N HIS A 353 1.22 8.12 -7.53
CA HIS A 353 0.29 8.02 -6.44
C HIS A 353 0.40 9.25 -5.53
N GLU A 354 1.64 9.56 -5.12
CA GLU A 354 1.84 10.71 -4.21
C GLU A 354 1.46 12.02 -4.85
N LEU A 355 1.69 12.16 -6.16
CA LEU A 355 1.32 13.40 -6.81
C LEU A 355 -0.18 13.47 -7.01
N ALA A 356 -0.86 12.34 -7.29
CA ALA A 356 -2.34 12.38 -7.38
C ALA A 356 -2.93 12.90 -6.07
N HIS A 357 -2.32 12.49 -4.94
CA HIS A 357 -2.80 12.95 -3.64
C HIS A 357 -2.72 14.46 -3.44
N GLN A 358 -1.89 15.21 -4.21
CA GLN A 358 -1.86 16.66 -4.04
C GLN A 358 -3.26 17.22 -4.31
N TRP A 359 -4.08 16.52 -5.12
CA TRP A 359 -5.46 16.90 -5.40
C TRP A 359 -6.39 16.01 -4.54
N PHE A 360 -6.28 14.69 -4.70
CA PHE A 360 -7.09 13.70 -3.96
C PHE A 360 -6.48 13.38 -2.65
N GLY A 361 -6.68 14.28 -1.71
CA GLY A 361 -6.25 14.07 -0.33
C GLY A 361 -5.82 15.38 0.30
N ASN A 362 -5.03 16.13 -0.46
CA ASN A 362 -4.49 17.39 0.09
C ASN A 362 -5.45 18.55 -0.17
N LEU A 363 -5.75 18.78 -1.44
CA LEU A 363 -6.68 19.84 -1.83
C LEU A 363 -8.08 19.52 -1.33
N VAL A 364 -8.53 18.29 -1.54
CA VAL A 364 -9.83 17.83 -1.05
C VAL A 364 -9.51 16.66 -0.15
N THR A 365 -10.03 16.64 1.08
CA THR A 365 -9.69 15.66 2.07
C THR A 365 -10.93 15.02 2.60
N MET A 366 -10.91 13.70 2.94
CA MET A 366 -12.11 13.12 3.57
C MET A 366 -12.39 13.84 4.91
N GLU A 367 -13.67 13.92 5.26
CA GLU A 367 -14.06 14.57 6.53
C GLU A 367 -13.57 13.79 7.73
N TRP A 368 -13.62 12.47 7.63
CA TRP A 368 -13.14 11.61 8.72
C TRP A 368 -12.66 10.32 8.07
N TRP A 369 -11.89 9.57 8.81
CA TRP A 369 -11.19 8.37 8.39
C TRP A 369 -12.10 7.24 7.93
N ASN A 370 -13.39 7.27 8.29
CA ASN A 370 -14.33 6.28 7.76
C ASN A 370 -14.38 6.31 6.22
N ASP A 371 -14.07 7.47 5.63
CA ASP A 371 -14.07 7.69 4.18
C ASP A 371 -12.65 7.90 3.65
N LEU A 372 -11.64 7.27 4.27
CA LEU A 372 -10.25 7.32 3.77
C LEU A 372 -10.18 6.89 2.30
N TRP A 373 -11.06 5.98 1.83
CA TRP A 373 -10.97 5.52 0.42
C TRP A 373 -11.11 6.70 -0.54
N LEU A 374 -11.76 7.82 -0.11
CA LEU A 374 -11.91 8.97 -1.01
C LEU A 374 -10.48 9.52 -1.37
N ASN A 375 -9.51 9.42 -0.42
CA ASN A 375 -8.13 9.79 -0.72
C ASN A 375 -7.43 8.58 -1.40
N GLU A 376 -7.49 7.38 -0.79
CA GLU A 376 -6.58 6.29 -1.22
C GLU A 376 -7.03 5.58 -2.49
N GLY A 377 -8.33 5.32 -2.62
CA GLY A 377 -8.83 4.64 -3.81
C GLY A 377 -8.63 5.49 -5.04
N PHE A 378 -8.85 6.80 -4.88
CA PHE A 378 -8.62 7.74 -5.98
C PHE A 378 -7.14 7.85 -6.31
N ALA A 379 -6.25 7.96 -5.30
CA ALA A 379 -4.80 8.05 -5.63
C ALA A 379 -4.33 6.79 -6.32
N LYS A 380 -4.78 5.62 -5.84
CA LYS A 380 -4.38 4.36 -6.46
C LYS A 380 -4.90 4.29 -7.90
N PHE A 381 -6.16 4.69 -8.11
CA PHE A 381 -6.72 4.64 -9.46
C PHE A 381 -6.02 5.62 -10.37
N MET A 382 -5.72 6.84 -9.88
CA MET A 382 -5.07 7.83 -10.73
C MET A 382 -3.67 7.45 -11.13
N GLU A 383 -2.99 6.53 -10.39
CA GLU A 383 -1.64 6.03 -10.83
C GLU A 383 -1.81 5.42 -12.26
N PHE A 384 -2.86 4.65 -12.44
CA PHE A 384 -3.12 3.96 -13.69
C PHE A 384 -3.57 4.89 -14.76
N VAL A 385 -4.45 5.86 -14.42
CA VAL A 385 -4.91 6.82 -15.42
C VAL A 385 -3.73 7.65 -15.95
N SER A 386 -2.89 8.17 -15.03
CA SER A 386 -1.80 9.03 -15.42
C SER A 386 -0.65 8.31 -16.07
N VAL A 387 -0.17 7.20 -15.48
CA VAL A 387 1.02 6.54 -16.06
C VAL A 387 0.70 5.88 -17.41
N SER A 388 -0.58 5.51 -17.63
CA SER A 388 -1.06 4.98 -18.94
C SER A 388 -0.77 5.99 -20.03
N VAL A 389 -0.79 7.31 -19.70
CA VAL A 389 -0.55 8.38 -20.63
C VAL A 389 0.91 8.84 -20.64
N THR A 390 1.49 9.01 -19.44
CA THR A 390 2.84 9.56 -19.37
C THR A 390 3.94 8.59 -19.75
N HIS A 391 3.75 7.33 -19.39
CA HIS A 391 4.82 6.33 -19.61
C HIS A 391 4.17 5.15 -20.34
N PRO A 392 3.73 5.37 -21.61
CA PRO A 392 3.02 4.30 -22.32
C PRO A 392 3.82 3.01 -22.50
N GLU A 393 5.17 3.10 -22.45
CA GLU A 393 6.05 1.94 -22.57
C GLU A 393 5.87 0.91 -21.44
N LEU A 394 5.42 1.35 -20.25
CA LEU A 394 5.21 0.44 -19.13
C LEU A 394 3.93 -0.37 -19.27
N LYS A 395 3.00 0.01 -20.16
CA LYS A 395 1.72 -0.68 -20.37
C LYS A 395 1.02 -1.00 -19.03
N VAL A 396 0.97 -0.04 -18.07
CA VAL A 396 0.42 -0.30 -16.74
C VAL A 396 -1.06 -0.66 -16.70
N GLY A 397 -1.85 -0.16 -17.66
CA GLY A 397 -3.28 -0.46 -17.71
C GLY A 397 -3.54 -1.95 -17.80
N ASP A 398 -2.55 -2.70 -18.35
CA ASP A 398 -2.59 -4.14 -18.47
C ASP A 398 -2.54 -4.85 -17.12
N TYR A 399 -1.90 -4.21 -16.11
CA TYR A 399 -1.70 -4.77 -14.77
C TYR A 399 -2.75 -4.40 -13.75
N PHE A 400 -3.63 -3.45 -14.08
CA PHE A 400 -4.57 -2.95 -13.08
C PHE A 400 -5.45 -4.02 -12.43
N PHE A 401 -6.01 -4.91 -13.23
CA PHE A 401 -6.92 -5.93 -12.71
C PHE A 401 -6.30 -6.78 -11.60
N GLY A 402 -4.97 -6.93 -11.59
CA GLY A 402 -4.31 -7.73 -10.57
C GLY A 402 -4.55 -7.19 -9.16
N LYS A 403 -4.72 -5.88 -9.04
CA LYS A 403 -5.04 -5.24 -7.74
C LYS A 403 -6.45 -5.60 -7.30
N CYS A 404 -7.37 -5.76 -8.27
CA CYS A 404 -8.72 -6.15 -7.96
C CYS A 404 -8.75 -7.57 -7.48
N PHE A 405 -7.98 -8.48 -8.09
CA PHE A 405 -7.94 -9.85 -7.59
C PHE A 405 -7.31 -9.90 -6.19
N ASP A 406 -6.38 -8.97 -5.87
CA ASP A 406 -5.80 -8.88 -4.51
C ASP A 406 -6.90 -8.54 -3.51
N ALA A 407 -7.69 -7.52 -3.82
CA ALA A 407 -8.75 -7.10 -2.92
C ALA A 407 -9.82 -8.23 -2.78
N MET A 408 -10.09 -9.00 -3.85
CA MET A 408 -11.09 -10.08 -3.74
C MET A 408 -10.73 -11.17 -2.78
N GLU A 409 -9.43 -11.44 -2.60
CA GLU A 409 -8.97 -12.48 -1.68
C GLU A 409 -9.44 -12.19 -0.27
N VAL A 410 -9.22 -10.95 0.16
CA VAL A 410 -9.58 -10.51 1.50
C VAL A 410 -11.10 -10.24 1.59
N ASP A 411 -11.67 -9.68 0.50
CA ASP A 411 -13.08 -9.26 0.53
C ASP A 411 -14.08 -10.40 0.47
N ALA A 412 -13.63 -11.61 0.15
CA ALA A 412 -14.48 -12.78 0.12
C ALA A 412 -14.71 -13.39 1.52
N LEU A 413 -14.03 -12.86 2.55
CA LEU A 413 -14.16 -13.42 3.90
C LEU A 413 -15.22 -12.71 4.70
N GLN A 414 -15.79 -13.37 5.73
CA GLN A 414 -16.79 -12.69 6.59
C GLN A 414 -16.21 -11.48 7.34
N SER A 415 -14.91 -11.48 7.60
CA SER A 415 -14.19 -10.43 8.30
C SER A 415 -13.88 -9.21 7.46
N SER A 416 -14.44 -9.15 6.22
CA SER A 416 -14.14 -7.99 5.40
C SER A 416 -15.08 -6.88 5.85
N HIS A 417 -14.65 -5.65 5.63
CA HIS A 417 -15.49 -4.50 6.01
C HIS A 417 -15.87 -3.76 4.75
N PRO A 418 -16.98 -3.02 4.78
CA PRO A 418 -17.32 -2.18 3.63
C PRO A 418 -16.23 -1.12 3.41
N VAL A 419 -16.13 -0.61 2.20
CA VAL A 419 -15.17 0.44 1.83
C VAL A 419 -15.28 1.65 2.76
N SER A 420 -16.53 2.05 3.08
CA SER A 420 -16.75 3.13 4.03
CA SER A 420 -16.80 3.14 4.01
C SER A 420 -17.31 2.47 5.28
N THR A 421 -16.62 2.61 6.41
CA THR A 421 -17.04 1.94 7.65
C THR A 421 -16.57 2.78 8.86
N PRO A 422 -17.29 2.74 9.99
CA PRO A 422 -16.92 3.59 11.14
C PRO A 422 -15.63 3.19 11.81
N VAL A 423 -14.83 4.19 12.20
CA VAL A 423 -13.62 3.99 12.95
C VAL A 423 -13.51 5.12 13.97
N GLU A 424 -12.88 4.86 15.12
CA GLU A 424 -12.78 5.89 16.16
C GLU A 424 -11.39 6.09 16.71
N ASN A 425 -10.74 5.01 17.10
CA ASN A 425 -9.44 5.18 17.74
C ASN A 425 -8.27 5.06 16.74
N PRO A 426 -7.07 5.48 17.16
CA PRO A 426 -5.92 5.45 16.24
C PRO A 426 -5.62 4.10 15.62
N ALA A 427 -5.75 3.00 16.39
CA ALA A 427 -5.49 1.68 15.81
C ALA A 427 -6.54 1.33 14.74
N GLN A 428 -7.81 1.69 15.03
CA GLN A 428 -8.86 1.44 14.03
C GLN A 428 -8.68 2.28 12.76
N ILE A 429 -8.20 3.52 12.92
CA ILE A 429 -7.95 4.37 11.76
C ILE A 429 -6.79 3.80 10.94
N ARG A 430 -5.69 3.37 11.60
CA ARG A 430 -4.56 2.80 10.86
C ARG A 430 -5.00 1.56 10.04
N GLU A 431 -5.97 0.80 10.57
CA GLU A 431 -6.48 -0.38 9.84
C GLU A 431 -7.17 0.00 8.55
N MET A 432 -7.60 1.27 8.39
CA MET A 432 -8.24 1.66 7.11
C MET A 432 -7.21 1.67 5.96
N PHE A 433 -5.91 1.74 6.27
CA PHE A 433 -4.90 1.76 5.21
C PHE A 433 -4.66 0.30 4.78
N ASP A 434 -5.63 -0.29 4.04
CA ASP A 434 -5.60 -1.72 3.69
C ASP A 434 -6.05 -1.90 2.27
N ASP A 435 -6.09 -3.16 1.81
CA ASP A 435 -6.41 -3.43 0.42
C ASP A 435 -7.83 -3.04 0.04
N VAL A 436 -8.73 -2.94 1.00
CA VAL A 436 -10.10 -2.49 0.72
C VAL A 436 -10.09 -0.99 0.34
N SER A 437 -9.45 -0.11 1.13
CA SER A 437 -9.47 1.32 0.80
C SER A 437 -8.71 1.60 -0.47
N TYR A 438 -7.58 0.91 -0.64
CA TYR A 438 -6.72 1.20 -1.80
C TYR A 438 -7.20 0.46 -3.04
N ASP A 439 -7.16 -0.89 -3.01
CA ASP A 439 -7.39 -1.69 -4.19
C ASP A 439 -8.88 -1.84 -4.53
N LYS A 440 -9.74 -2.19 -3.54
CA LYS A 440 -11.17 -2.24 -3.85
C LYS A 440 -11.66 -0.83 -4.22
N GLY A 441 -11.18 0.20 -3.53
CA GLY A 441 -11.54 1.59 -3.85
C GLY A 441 -11.18 1.91 -5.29
N ALA A 442 -9.96 1.57 -5.73
CA ALA A 442 -9.57 1.85 -7.14
C ALA A 442 -10.40 1.03 -8.14
N CYS A 443 -10.67 -0.23 -7.75
CA CYS A 443 -11.40 -1.12 -8.66
C CYS A 443 -12.84 -0.68 -8.88
N ILE A 444 -13.53 -0.22 -7.83
CA ILE A 444 -14.90 0.27 -8.02
C ILE A 444 -14.89 1.59 -8.76
N LEU A 445 -13.83 2.44 -8.63
CA LEU A 445 -13.77 3.67 -9.42
C LEU A 445 -13.53 3.32 -10.89
N ASN A 446 -12.69 2.31 -11.17
CA ASN A 446 -12.47 1.87 -12.57
C ASN A 446 -13.78 1.38 -13.17
N MET A 447 -14.53 0.60 -12.39
CA MET A 447 -15.82 0.08 -12.84
C MET A 447 -16.78 1.25 -13.13
N LEU A 448 -16.81 2.26 -12.24
CA LEU A 448 -17.66 3.42 -12.40
C LEU A 448 -17.24 4.27 -13.63
N ARG A 449 -15.92 4.42 -13.86
CA ARG A 449 -15.44 5.16 -15.02
C ARG A 449 -15.84 4.45 -16.31
N GLU A 450 -15.70 3.12 -16.36
CA GLU A 450 -16.12 2.40 -17.57
C GLU A 450 -17.60 2.52 -17.81
N TYR A 451 -18.38 2.51 -16.72
CA TYR A 451 -19.84 2.61 -16.79
C TYR A 451 -20.29 4.00 -17.29
N LEU A 452 -19.74 5.07 -16.70
CA LEU A 452 -20.13 6.43 -17.09
C LEU A 452 -19.51 6.92 -18.39
N SER A 453 -18.33 6.39 -18.71
CA SER A 453 -17.38 6.75 -19.77
C SER A 453 -16.30 7.66 -19.16
N ALA A 454 -15.10 7.60 -19.71
CA ALA A 454 -13.99 8.38 -19.22
C ALA A 454 -14.25 9.87 -19.21
N ASP A 455 -14.86 10.43 -20.27
CA ASP A 455 -15.11 11.88 -20.27
C ASP A 455 -16.12 12.33 -19.23
N ALA A 456 -17.21 11.56 -19.02
CA ALA A 456 -18.20 11.95 -17.99
C ALA A 456 -17.55 11.81 -16.61
N PHE A 457 -16.78 10.75 -16.40
CA PHE A 457 -16.11 10.53 -15.12
C PHE A 457 -15.14 11.70 -14.84
N LYS A 458 -14.37 12.11 -15.88
CA LYS A 458 -13.42 13.22 -15.74
C LYS A 458 -14.15 14.51 -15.40
N SER A 459 -15.27 14.80 -16.08
CA SER A 459 -16.03 16.01 -15.76
C SER A 459 -16.50 15.99 -14.28
N GLY A 460 -16.93 14.82 -13.82
CA GLY A 460 -17.40 14.66 -12.45
C GLY A 460 -16.28 14.90 -11.45
N ILE A 461 -15.08 14.37 -11.74
CA ILE A 461 -13.98 14.57 -10.77
C ILE A 461 -13.48 16.01 -10.78
N VAL A 462 -13.53 16.72 -11.92
CA VAL A 462 -13.12 18.10 -11.97
C VAL A 462 -14.10 18.96 -11.15
N GLN A 463 -15.42 18.71 -11.32
CA GLN A 463 -16.42 19.46 -10.55
C GLN A 463 -16.26 19.18 -9.04
N TYR A 464 -15.97 17.92 -8.69
CA TYR A 464 -15.80 17.56 -7.29
C TYR A 464 -14.60 18.29 -6.69
N LEU A 465 -13.44 18.28 -7.41
CA LEU A 465 -12.24 18.94 -6.88
C LEU A 465 -12.41 20.42 -6.81
N GLN A 466 -13.02 21.04 -7.83
CA GLN A 466 -13.20 22.50 -7.80
C GLN A 466 -14.15 22.90 -6.66
N LYS A 467 -15.32 22.25 -6.56
CA LYS A 467 -16.30 22.60 -5.52
C LYS A 467 -15.80 22.42 -4.09
N HIS A 468 -15.02 21.38 -3.86
CA HIS A 468 -14.59 21.07 -2.50
C HIS A 468 -13.15 21.44 -2.20
N SER A 469 -12.52 22.23 -3.07
CA SER A 469 -11.13 22.72 -2.87
C SER A 469 -10.96 23.37 -1.49
N TYR A 470 -9.90 22.93 -0.75
CA TYR A 470 -9.54 23.43 0.58
C TYR A 470 -10.60 23.11 1.62
N LYS A 471 -11.39 22.04 1.40
CA LYS A 471 -12.47 21.62 2.29
C LYS A 471 -12.45 20.10 2.39
N ASN A 472 -13.45 19.53 3.08
CA ASN A 472 -13.53 18.10 3.32
C ASN A 472 -14.81 17.50 2.75
N THR A 473 -14.74 16.21 2.41
CA THR A 473 -15.89 15.57 1.77
C THR A 473 -16.26 14.26 2.43
N LYS A 474 -17.46 13.77 2.11
CA LYS A 474 -17.90 12.43 2.46
C LYS A 474 -18.36 11.77 1.16
N ASN A 475 -18.65 10.47 1.20
CA ASN A 475 -19.12 9.76 0.00
C ASN A 475 -20.14 10.42 -0.81
N GLU A 476 -21.17 10.92 -0.15
CA GLU A 476 -22.29 11.51 -0.84
C GLU A 476 -21.92 12.71 -1.69
N ASP A 477 -20.85 13.43 -1.30
CA ASP A 477 -20.41 14.57 -2.09
C ASP A 477 -19.87 14.09 -3.44
N LEU A 478 -19.17 12.95 -3.47
CA LEU A 478 -18.63 12.43 -4.70
C LEU A 478 -19.78 11.99 -5.59
N TRP A 479 -20.83 11.31 -5.04
CA TRP A 479 -21.93 10.89 -5.91
C TRP A 479 -22.66 12.06 -6.48
N ASP A 480 -22.85 13.11 -5.68
CA ASP A 480 -23.55 14.31 -6.15
C ASP A 480 -22.79 14.96 -7.28
N SER A 481 -21.46 15.02 -7.17
CA SER A 481 -20.65 15.59 -8.23
C SER A 481 -20.72 14.77 -9.50
N MET A 482 -20.63 13.45 -9.39
CA MET A 482 -20.66 12.58 -10.56
C MET A 482 -22.00 12.68 -11.27
N ALA A 483 -23.09 12.83 -10.52
CA ALA A 483 -24.43 12.96 -11.09
C ALA A 483 -24.74 14.36 -11.64
N SER A 484 -23.94 15.36 -11.32
CA SER A 484 -24.17 16.73 -11.81
C SER A 484 -23.72 16.89 -13.29
N ILE A 485 -23.20 15.84 -13.94
CA ILE A 485 -22.72 15.90 -15.32
C ILE A 485 -23.81 15.63 -16.37
N VAL A 490 -27.43 10.85 -14.70
CA VAL A 490 -27.63 9.41 -14.53
C VAL A 490 -27.40 8.95 -13.07
N ASP A 491 -27.93 7.75 -12.74
CA ASP A 491 -27.84 7.09 -11.44
C ASP A 491 -26.41 6.87 -11.00
N VAL A 492 -25.95 7.47 -9.87
CA VAL A 492 -24.63 7.12 -9.35
C VAL A 492 -24.79 6.75 -7.87
N LYS A 493 -25.56 7.51 -7.10
CA LYS A 493 -25.71 7.28 -5.66
C LYS A 493 -26.22 5.88 -5.28
N THR A 494 -27.36 5.43 -5.84
CA THR A 494 -27.85 4.10 -5.46
C THR A 494 -26.85 2.99 -5.84
N MET A 495 -26.28 3.10 -7.03
CA MET A 495 -25.30 2.10 -7.48
C MET A 495 -24.09 2.10 -6.57
N MET A 496 -23.52 3.31 -6.35
CA MET A 496 -22.24 3.35 -5.63
C MET A 496 -22.38 3.10 -4.16
N ASN A 497 -23.55 3.34 -3.58
CA ASN A 497 -23.80 2.93 -2.22
C ASN A 497 -23.76 1.40 -2.07
N THR A 498 -24.18 0.63 -3.09
CA THR A 498 -24.06 -0.82 -2.97
C THR A 498 -22.60 -1.27 -2.93
N TRP A 499 -21.73 -0.56 -3.60
CA TRP A 499 -20.32 -0.93 -3.65
C TRP A 499 -19.52 -0.39 -2.49
N THR A 500 -20.00 0.65 -1.78
CA THR A 500 -19.25 1.25 -0.66
C THR A 500 -19.78 0.95 0.71
N LEU A 501 -21.05 0.53 0.83
CA LEU A 501 -21.68 0.30 2.14
C LEU A 501 -21.92 -1.19 2.48
N GLN A 502 -21.62 -2.09 1.58
CA GLN A 502 -21.73 -3.52 1.80
C GLN A 502 -20.34 -4.09 1.64
N ARG A 503 -19.96 -5.07 2.46
CA ARG A 503 -18.72 -5.78 2.20
C ARG A 503 -18.88 -6.69 0.96
N GLY A 504 -17.76 -7.18 0.44
CA GLY A 504 -17.73 -8.26 -0.52
C GLY A 504 -18.13 -7.89 -1.92
N PHE A 505 -18.46 -8.89 -2.69
CA PHE A 505 -18.77 -8.69 -4.10
C PHE A 505 -19.64 -9.85 -4.56
N PRO A 506 -20.35 -9.65 -5.68
CA PRO A 506 -21.23 -10.70 -6.14
C PRO A 506 -20.56 -11.73 -7.04
N LEU A 507 -21.09 -12.95 -7.01
CA LEU A 507 -20.91 -13.97 -8.00
C LEU A 507 -22.11 -13.75 -9.02
N ILE A 508 -21.79 -13.61 -10.28
CA ILE A 508 -22.80 -13.51 -11.34
C ILE A 508 -22.86 -14.87 -12.00
N THR A 509 -24.03 -15.52 -11.98
CA THR A 509 -24.16 -16.82 -12.67
C THR A 509 -24.89 -16.63 -14.00
N ILE A 510 -24.32 -17.19 -15.07
CA ILE A 510 -24.87 -17.05 -16.42
C ILE A 510 -25.38 -18.39 -16.92
N THR A 511 -26.63 -18.42 -17.43
CA THR A 511 -27.16 -19.66 -18.00
C THR A 511 -27.64 -19.35 -19.41
N VAL A 512 -27.12 -20.05 -20.43
CA VAL A 512 -27.48 -19.76 -21.81
C VAL A 512 -28.32 -20.86 -22.37
N ARG A 513 -29.48 -20.51 -22.91
CA ARG A 513 -30.32 -21.49 -23.59
C ARG A 513 -30.69 -20.92 -24.96
N GLY A 514 -29.94 -21.31 -26.01
CA GLY A 514 -30.10 -20.70 -27.33
C GLY A 514 -29.76 -19.22 -27.25
N ARG A 515 -30.69 -18.36 -27.62
CA ARG A 515 -30.47 -16.90 -27.55
C ARG A 515 -30.72 -16.30 -26.16
N ASN A 516 -31.33 -17.07 -25.25
CA ASN A 516 -31.73 -16.56 -23.94
C ASN A 516 -30.58 -16.61 -22.94
N VAL A 517 -30.17 -15.46 -22.43
CA VAL A 517 -29.12 -15.39 -21.45
C VAL A 517 -29.68 -14.98 -20.11
N HIS A 518 -29.67 -15.89 -19.14
CA HIS A 518 -30.22 -15.64 -17.82
C HIS A 518 -29.06 -15.25 -16.91
N MET A 519 -29.28 -14.18 -16.15
CA MET A 519 -28.26 -13.68 -15.24
C MET A 519 -28.81 -13.69 -13.80
N LYS A 520 -27.99 -14.07 -12.84
CA LYS A 520 -28.37 -14.02 -11.43
C LYS A 520 -27.18 -13.45 -10.62
N GLN A 521 -27.42 -12.75 -9.53
CA GLN A 521 -26.32 -12.34 -8.64
C GLN A 521 -26.57 -12.87 -7.23
N GLU A 522 -25.47 -13.18 -6.54
CA GLU A 522 -25.50 -13.56 -5.13
C GLU A 522 -24.18 -13.16 -4.51
N HIS A 523 -24.16 -12.96 -3.20
CA HIS A 523 -22.92 -12.58 -2.53
C HIS A 523 -21.95 -13.74 -2.58
N TYR A 524 -20.71 -13.49 -3.08
CA TYR A 524 -19.70 -14.53 -3.07
C TYR A 524 -19.07 -14.54 -1.66
N MET A 525 -19.11 -15.70 -1.00
N MET A 525 -19.20 -15.66 -0.93
CA MET A 525 -18.45 -15.77 0.30
CA MET A 525 -18.57 -15.73 0.41
C MET A 525 -17.83 -17.11 0.52
C MET A 525 -17.91 -17.09 0.67
N LYS A 526 -16.63 -17.09 1.08
CA LYS A 526 -15.93 -18.33 1.41
C LYS A 526 -16.36 -18.69 2.84
N GLY A 527 -16.59 -19.96 3.11
CA GLY A 527 -17.00 -20.41 4.44
C GLY A 527 -18.49 -20.43 4.66
N THR A 534 -28.10 -14.09 2.60
CA THR A 534 -27.93 -13.00 3.56
C THR A 534 -28.49 -11.64 3.03
N GLY A 535 -29.02 -11.62 1.81
CA GLY A 535 -29.65 -10.42 1.28
C GLY A 535 -28.93 -9.55 0.28
N TYR A 536 -27.59 -9.40 0.39
CA TYR A 536 -26.75 -8.51 -0.43
C TYR A 536 -27.22 -8.33 -1.88
N LEU A 537 -27.25 -7.11 -2.37
CA LEU A 537 -27.62 -6.86 -3.78
C LEU A 537 -26.79 -5.70 -4.27
N TRP A 538 -26.31 -5.78 -5.50
CA TRP A 538 -25.55 -4.69 -6.10
C TRP A 538 -26.15 -4.23 -7.41
N HIS A 539 -25.77 -3.03 -7.83
CA HIS A 539 -26.07 -2.57 -9.19
C HIS A 539 -24.79 -2.87 -9.91
N VAL A 540 -24.82 -3.91 -10.75
CA VAL A 540 -23.61 -4.44 -11.40
C VAL A 540 -23.55 -4.08 -12.87
N PRO A 541 -22.56 -3.26 -13.27
CA PRO A 541 -22.48 -2.88 -14.70
C PRO A 541 -21.77 -4.00 -15.43
N LEU A 542 -22.54 -4.93 -15.94
CA LEU A 542 -22.00 -6.10 -16.61
C LEU A 542 -21.53 -5.72 -17.99
N THR A 543 -20.53 -6.47 -18.46
CA THR A 543 -20.07 -6.39 -19.81
C THR A 543 -19.86 -7.78 -20.37
N PHE A 544 -20.02 -7.95 -21.66
CA PHE A 544 -19.75 -9.24 -22.27
C PHE A 544 -19.35 -9.16 -23.72
N ILE A 545 -18.66 -10.19 -24.17
CA ILE A 545 -18.37 -10.44 -25.58
C ILE A 545 -18.86 -11.85 -25.90
N THR A 546 -18.95 -12.20 -27.20
CA THR A 546 -19.33 -13.56 -27.58
C THR A 546 -18.52 -14.01 -28.77
N SER A 547 -18.71 -15.30 -29.17
CA SER A 547 -18.07 -15.81 -30.38
C SER A 547 -18.47 -15.07 -31.63
N LYS A 548 -19.60 -14.37 -31.62
CA LYS A 548 -20.04 -13.64 -32.82
C LYS A 548 -19.78 -12.15 -32.74
N SER A 549 -19.44 -11.60 -31.54
CA SER A 549 -19.22 -10.15 -31.43
C SER A 549 -18.16 -9.83 -30.43
N ASP A 550 -17.10 -9.13 -30.85
CA ASP A 550 -16.11 -8.66 -29.91
C ASP A 550 -16.33 -7.20 -29.48
N MET A 551 -17.49 -6.60 -29.82
CA MET A 551 -17.87 -5.33 -29.23
C MET A 551 -18.18 -5.63 -27.76
N VAL A 552 -17.79 -4.72 -26.85
CA VAL A 552 -18.12 -4.92 -25.45
C VAL A 552 -19.58 -4.49 -25.27
N HIS A 553 -20.43 -5.46 -24.98
CA HIS A 553 -21.82 -5.20 -24.76
C HIS A 553 -22.05 -4.92 -23.30
N ARG A 554 -22.97 -4.02 -22.99
CA ARG A 554 -23.23 -3.62 -21.64
C ARG A 554 -24.59 -4.02 -21.17
N PHE A 555 -24.70 -4.34 -19.88
CA PHE A 555 -26.04 -4.66 -19.30
C PHE A 555 -25.97 -4.33 -17.84
N LEU A 556 -26.81 -3.43 -17.36
CA LEU A 556 -26.81 -3.07 -15.95
C LEU A 556 -27.75 -4.02 -15.16
N LEU A 557 -27.18 -4.88 -14.31
CA LEU A 557 -27.97 -5.82 -13.52
C LEU A 557 -28.24 -5.17 -12.15
N LYS A 558 -29.46 -4.76 -11.89
CA LYS A 558 -29.76 -4.07 -10.61
C LYS A 558 -30.60 -4.92 -9.70
N THR A 559 -30.92 -6.14 -10.11
CA THR A 559 -31.86 -7.00 -9.39
C THR A 559 -31.24 -8.37 -9.20
N LYS A 560 -31.92 -9.25 -8.45
CA LYS A 560 -31.39 -10.59 -8.22
C LYS A 560 -31.22 -11.35 -9.53
N THR A 561 -32.19 -11.23 -10.46
CA THR A 561 -32.08 -11.89 -11.75
C THR A 561 -32.52 -10.93 -12.87
N ASP A 562 -32.15 -11.31 -14.08
CA ASP A 562 -32.60 -10.62 -15.28
C ASP A 562 -32.30 -11.53 -16.47
N VAL A 563 -32.75 -11.10 -17.63
CA VAL A 563 -32.58 -11.86 -18.85
C VAL A 563 -32.26 -10.87 -19.95
N LEU A 564 -31.43 -11.33 -20.88
CA LEU A 564 -31.25 -10.63 -22.17
C LEU A 564 -31.29 -11.66 -23.28
N ILE A 565 -31.69 -11.23 -24.48
CA ILE A 565 -31.78 -12.11 -25.63
C ILE A 565 -30.72 -11.72 -26.67
N LEU A 566 -29.82 -12.63 -26.99
CA LEU A 566 -28.79 -12.38 -27.99
C LEU A 566 -29.46 -12.32 -29.35
N PRO A 567 -28.87 -11.56 -30.29
CA PRO A 567 -29.49 -11.45 -31.63
C PRO A 567 -29.49 -12.80 -32.36
N GLU A 568 -28.47 -13.64 -32.10
CA GLU A 568 -28.30 -14.96 -32.73
C GLU A 568 -27.56 -15.85 -31.72
N GLU A 569 -27.73 -17.17 -31.88
CA GLU A 569 -27.01 -18.11 -31.00
C GLU A 569 -25.52 -17.98 -31.16
N VAL A 570 -24.80 -18.24 -30.07
CA VAL A 570 -23.33 -18.14 -30.04
C VAL A 570 -22.72 -19.45 -29.54
N GLU A 571 -21.43 -19.63 -29.82
CA GLU A 571 -20.65 -20.77 -29.37
C GLU A 571 -20.16 -20.62 -27.92
N TRP A 572 -19.96 -19.37 -27.48
CA TRP A 572 -19.51 -19.07 -26.13
C TRP A 572 -19.81 -17.60 -25.88
N ILE A 573 -19.92 -17.27 -24.63
CA ILE A 573 -20.12 -15.92 -24.12
C ILE A 573 -19.16 -15.71 -22.96
N LYS A 574 -18.57 -14.50 -22.85
CA LYS A 574 -17.62 -14.26 -21.77
C LYS A 574 -17.95 -12.92 -21.13
N PHE A 575 -18.35 -12.95 -19.85
CA PHE A 575 -18.70 -11.76 -19.08
C PHE A 575 -17.46 -11.19 -18.36
N ASN A 576 -17.55 -9.93 -18.04
CA ASN A 576 -16.54 -9.13 -17.32
C ASN A 576 -15.32 -8.91 -18.21
N VAL A 577 -15.53 -8.15 -19.28
CA VAL A 577 -14.52 -7.98 -20.29
C VAL A 577 -13.35 -7.19 -19.81
N GLY A 578 -12.18 -7.77 -19.92
CA GLY A 578 -10.97 -7.10 -19.46
C GLY A 578 -10.86 -7.07 -17.95
N MET A 579 -11.78 -7.74 -17.23
CA MET A 579 -11.83 -7.71 -15.77
C MET A 579 -11.96 -6.30 -15.24
N ASN A 580 -12.81 -5.49 -15.87
CA ASN A 580 -13.02 -4.13 -15.42
C ASN A 580 -14.11 -4.02 -14.32
N GLY A 581 -14.82 -5.09 -14.03
CA GLY A 581 -15.83 -5.10 -13.00
C GLY A 581 -15.38 -5.86 -11.76
N TYR A 582 -15.88 -5.43 -10.59
CA TYR A 582 -15.51 -6.05 -9.34
C TYR A 582 -16.52 -7.16 -9.01
N TYR A 583 -16.46 -8.24 -9.78
CA TYR A 583 -17.35 -9.37 -9.60
C TYR A 583 -16.73 -10.59 -10.29
N ILE A 584 -17.21 -11.78 -9.91
CA ILE A 584 -16.77 -12.99 -10.56
C ILE A 584 -17.92 -13.63 -11.28
N VAL A 585 -17.62 -14.52 -12.24
CA VAL A 585 -18.63 -15.12 -13.09
C VAL A 585 -18.54 -16.60 -13.09
N HIS A 586 -19.70 -17.24 -12.94
CA HIS A 586 -19.87 -18.67 -13.10
C HIS A 586 -20.79 -18.96 -14.28
N TYR A 587 -20.49 -20.00 -15.03
CA TYR A 587 -21.27 -20.39 -16.20
C TYR A 587 -21.89 -21.75 -15.95
N GLU A 588 -23.22 -21.84 -16.02
CA GLU A 588 -23.89 -23.13 -15.82
C GLU A 588 -23.76 -24.04 -17.03
N ASP A 589 -24.15 -25.32 -16.81
CA ASP A 589 -24.25 -26.30 -17.88
C ASP A 589 -22.90 -26.51 -18.61
N ASP A 590 -22.83 -26.45 -19.96
CA ASP A 590 -21.54 -26.66 -20.63
C ASP A 590 -20.64 -25.42 -20.70
N GLY A 591 -21.00 -24.36 -19.96
CA GLY A 591 -20.30 -23.08 -20.01
C GLY A 591 -18.81 -23.19 -19.77
N TRP A 592 -18.41 -23.82 -18.67
CA TRP A 592 -17.00 -23.94 -18.36
C TRP A 592 -16.28 -24.86 -19.34
N ASP A 593 -16.98 -25.87 -19.89
CA ASP A 593 -16.35 -26.73 -20.91
C ASP A 593 -16.11 -25.93 -22.18
N SER A 594 -17.05 -25.06 -22.55
CA SER A 594 -16.88 -24.22 -23.74
C SER A 594 -15.69 -23.27 -23.60
N LEU A 595 -15.57 -22.61 -22.41
CA LEU A 595 -14.46 -21.66 -22.23
C LEU A 595 -13.13 -22.42 -22.07
N THR A 596 -13.17 -23.62 -21.48
CA THR A 596 -11.97 -24.46 -21.39
C THR A 596 -11.52 -24.85 -22.81
N GLY A 597 -12.47 -25.19 -23.67
CA GLY A 597 -12.17 -25.54 -25.06
C GLY A 597 -11.63 -24.35 -25.83
N LEU A 598 -12.17 -23.17 -25.56
CA LEU A 598 -11.70 -21.95 -26.19
C LEU A 598 -10.26 -21.66 -25.82
N LEU A 599 -9.92 -21.81 -24.53
CA LEU A 599 -8.53 -21.56 -24.10
C LEU A 599 -7.58 -22.61 -24.68
N LYS A 600 -8.03 -23.85 -24.83
CA LYS A 600 -7.15 -24.91 -25.35
C LYS A 600 -6.93 -24.86 -26.86
N GLY A 601 -7.92 -24.44 -27.60
CA GLY A 601 -7.83 -24.46 -29.06
C GLY A 601 -7.45 -23.15 -29.72
N THR A 602 -8.04 -22.06 -29.25
CA THR A 602 -7.81 -20.74 -29.83
C THR A 602 -7.79 -19.75 -28.67
N HIS A 603 -6.76 -19.85 -27.79
CA HIS A 603 -6.74 -18.97 -26.61
C HIS A 603 -6.69 -17.51 -26.96
N THR A 604 -6.16 -17.14 -28.16
CA THR A 604 -6.12 -15.72 -28.54
C THR A 604 -7.51 -15.20 -28.99
N ALA A 605 -8.58 -16.02 -28.92
CA ALA A 605 -9.94 -15.52 -29.22
C ALA A 605 -10.41 -14.49 -28.19
N VAL A 606 -9.77 -14.47 -26.99
CA VAL A 606 -10.04 -13.46 -25.98
C VAL A 606 -8.69 -12.83 -25.54
N SER A 607 -8.73 -11.63 -25.01
CA SER A 607 -7.54 -10.91 -24.59
C SER A 607 -6.79 -11.63 -23.48
N SER A 608 -5.53 -11.26 -23.32
CA SER A 608 -4.69 -11.81 -22.25
CA SER A 608 -4.69 -11.83 -22.26
CA SER A 608 -4.68 -11.81 -22.28
C SER A 608 -5.32 -11.60 -20.88
N ASN A 609 -5.90 -10.41 -20.63
CA ASN A 609 -6.55 -10.16 -19.34
C ASN A 609 -7.84 -10.95 -19.16
N ASP A 610 -8.52 -11.27 -20.28
CA ASP A 610 -9.70 -12.13 -20.18
C ASP A 610 -9.29 -13.57 -19.85
N ARG A 611 -8.15 -14.02 -20.39
CA ARG A 611 -7.67 -15.38 -20.04
C ARG A 611 -7.28 -15.39 -18.54
N ALA A 612 -6.63 -14.31 -18.06
CA ALA A 612 -6.27 -14.27 -16.60
C ALA A 612 -7.55 -14.32 -15.74
N SER A 613 -8.61 -13.63 -16.19
CA SER A 613 -9.85 -13.60 -15.43
C SER A 613 -10.50 -15.00 -15.35
N LEU A 614 -10.45 -15.78 -16.44
CA LEU A 614 -11.03 -17.12 -16.44
C LEU A 614 -10.24 -18.06 -15.51
N ILE A 615 -8.90 -17.95 -15.51
CA ILE A 615 -8.08 -18.76 -14.59
C ILE A 615 -8.43 -18.38 -13.13
N ASN A 616 -8.45 -17.06 -12.80
CA ASN A 616 -8.77 -16.69 -11.45
C ASN A 616 -10.18 -17.17 -11.02
N ASN A 617 -11.18 -16.90 -11.87
CA ASN A 617 -12.54 -17.22 -11.45
C ASN A 617 -12.76 -18.69 -11.33
N ALA A 618 -12.12 -19.52 -12.19
CA ALA A 618 -12.35 -20.98 -12.08
C ALA A 618 -11.88 -21.46 -10.69
N PHE A 619 -10.68 -21.01 -10.27
CA PHE A 619 -10.18 -21.44 -8.95
C PHE A 619 -11.00 -20.84 -7.80
N GLN A 620 -11.48 -19.58 -7.92
CA GLN A 620 -12.36 -19.02 -6.87
C GLN A 620 -13.66 -19.85 -6.77
N LEU A 621 -14.14 -20.38 -7.91
CA LEU A 621 -15.38 -21.20 -7.88
C LEU A 621 -15.18 -22.58 -7.25
N VAL A 622 -13.93 -23.07 -7.23
CA VAL A 622 -13.65 -24.34 -6.52
C VAL A 622 -13.88 -24.11 -5.02
N SER A 623 -13.47 -22.92 -4.51
CA SER A 623 -13.58 -22.62 -3.08
C SER A 623 -14.99 -22.66 -2.55
N ILE A 624 -15.99 -22.33 -3.41
CA ILE A 624 -17.38 -22.36 -2.98
C ILE A 624 -18.19 -23.50 -3.57
N GLY A 625 -17.52 -24.51 -4.12
CA GLY A 625 -18.17 -25.71 -4.59
C GLY A 625 -18.94 -25.58 -5.89
N LYS A 626 -18.70 -24.52 -6.67
CA LYS A 626 -19.41 -24.38 -7.96
C LYS A 626 -18.71 -25.06 -9.11
N LEU A 627 -17.41 -25.32 -8.96
CA LEU A 627 -16.62 -26.00 -9.99
C LEU A 627 -15.69 -26.96 -9.26
N SER A 628 -15.45 -28.14 -9.83
CA SER A 628 -14.55 -29.07 -9.15
C SER A 628 -13.11 -28.67 -9.32
N ILE A 629 -12.25 -29.06 -8.35
CA ILE A 629 -10.82 -28.78 -8.49
C ILE A 629 -10.26 -29.42 -9.76
N GLU A 630 -10.82 -30.60 -10.16
CA GLU A 630 -10.30 -31.26 -11.35
C GLU A 630 -10.59 -30.42 -12.59
N LYS A 631 -11.79 -29.81 -12.68
CA LYS A 631 -12.09 -29.01 -13.87
C LYS A 631 -11.24 -27.71 -13.92
N ALA A 632 -10.94 -27.09 -12.75
CA ALA A 632 -10.11 -25.89 -12.74
C ALA A 632 -8.66 -26.27 -13.13
N LEU A 633 -8.17 -27.40 -12.61
CA LEU A 633 -6.82 -27.87 -13.00
C LEU A 633 -6.80 -28.24 -14.47
N ASP A 634 -7.87 -28.86 -15.00
CA ASP A 634 -7.92 -29.17 -16.44
C ASP A 634 -7.87 -27.88 -17.27
N LEU A 635 -8.53 -26.81 -16.80
CA LEU A 635 -8.47 -25.53 -17.51
C LEU A 635 -7.03 -25.00 -17.48
N SER A 636 -6.34 -25.13 -16.33
CA SER A 636 -4.95 -24.61 -16.22
C SER A 636 -3.95 -25.25 -17.17
N LEU A 637 -4.28 -26.44 -17.70
CA LEU A 637 -3.42 -27.12 -18.68
C LEU A 637 -3.21 -26.29 -19.93
N TYR A 638 -4.15 -25.36 -20.27
CA TYR A 638 -3.93 -24.53 -21.47
C TYR A 638 -2.63 -23.68 -21.33
N LEU A 639 -2.21 -23.38 -20.10
CA LEU A 639 -1.02 -22.56 -19.86
C LEU A 639 0.26 -23.09 -20.50
N LYS A 640 0.27 -24.36 -20.92
CA LYS A 640 1.44 -24.90 -21.63
C LYS A 640 1.74 -24.10 -22.90
N HIS A 641 0.72 -23.44 -23.47
CA HIS A 641 0.92 -22.63 -24.67
C HIS A 641 0.70 -21.14 -24.44
N GLU A 642 0.59 -20.70 -23.17
CA GLU A 642 0.43 -19.29 -22.87
C GLU A 642 1.78 -18.57 -22.98
N THR A 643 1.77 -17.32 -23.43
CA THR A 643 3.00 -16.55 -23.57
C THR A 643 2.99 -15.23 -22.82
N GLU A 644 1.78 -14.73 -22.38
CA GLU A 644 1.63 -13.39 -21.85
C GLU A 644 1.74 -13.36 -20.35
N ILE A 645 2.36 -12.31 -19.85
CA ILE A 645 2.64 -12.21 -18.43
C ILE A 645 1.40 -12.33 -17.53
N MET A 646 0.29 -11.60 -17.82
CA MET A 646 -0.83 -11.61 -16.87
C MET A 646 -1.43 -13.00 -16.67
N PRO A 647 -1.81 -13.75 -17.72
CA PRO A 647 -2.35 -15.10 -17.47
C PRO A 647 -1.31 -16.04 -16.84
N VAL A 648 -0.01 -15.96 -17.26
CA VAL A 648 1.01 -16.80 -16.59
C VAL A 648 1.06 -16.46 -15.11
N PHE A 649 1.16 -15.17 -14.75
CA PHE A 649 1.21 -14.81 -13.35
C PHE A 649 -0.05 -15.18 -12.63
N GLN A 650 -1.22 -15.11 -13.30
CA GLN A 650 -2.44 -15.52 -12.62
C GLN A 650 -2.45 -17.02 -12.36
N GLY A 651 -1.87 -17.82 -13.26
CA GLY A 651 -1.77 -19.25 -13.03
C GLY A 651 -0.88 -19.52 -11.83
N LEU A 652 0.23 -18.77 -11.71
CA LEU A 652 1.12 -18.92 -10.53
C LEU A 652 0.36 -18.54 -9.28
N ASN A 653 -0.39 -17.42 -9.33
CA ASN A 653 -1.13 -16.96 -8.16
C ASN A 653 -2.12 -17.96 -7.66
N GLU A 654 -2.67 -18.79 -8.54
CA GLU A 654 -3.66 -19.77 -8.11
C GLU A 654 -2.99 -21.09 -7.71
N LEU A 655 -1.94 -21.50 -8.43
CA LEU A 655 -1.36 -22.82 -8.21
C LEU A 655 -0.30 -22.83 -7.11
N ILE A 656 0.54 -21.77 -7.04
CA ILE A 656 1.61 -21.78 -6.02
C ILE A 656 1.04 -21.92 -4.61
N PRO A 657 -0.01 -21.19 -4.22
CA PRO A 657 -0.50 -21.33 -2.83
C PRO A 657 -0.88 -22.74 -2.47
N MET A 658 -1.26 -23.58 -3.45
CA MET A 658 -1.63 -24.97 -3.11
C MET A 658 -0.42 -25.74 -2.58
N TYR A 659 0.77 -25.56 -3.22
CA TYR A 659 1.95 -26.26 -2.67
C TYR A 659 2.46 -25.57 -1.44
N LYS A 660 2.25 -24.25 -1.23
CA LYS A 660 2.70 -23.61 0.00
C LYS A 660 1.93 -24.22 1.21
N LEU A 661 0.64 -24.53 1.04
CA LEU A 661 -0.09 -25.23 2.07
C LEU A 661 0.54 -26.63 2.36
N MET A 662 0.83 -27.35 1.29
CA MET A 662 1.41 -28.71 1.40
C MET A 662 2.76 -28.69 2.10
N GLU A 663 3.58 -27.64 1.88
CA GLU A 663 4.92 -27.56 2.50
C GLU A 663 4.85 -27.60 4.03
N LYS A 664 3.72 -27.14 4.60
CA LYS A 664 3.58 -27.08 6.06
C LYS A 664 2.77 -28.27 6.58
N ARG A 665 2.65 -29.33 5.78
CA ARG A 665 1.88 -30.52 6.14
C ARG A 665 2.76 -31.77 5.85
N ASP A 666 2.28 -32.92 6.27
CA ASP A 666 2.97 -34.19 6.03
C ASP A 666 2.49 -34.70 4.67
N MET A 667 2.89 -34.00 3.59
CA MET A 667 2.40 -34.30 2.23
C MET A 667 3.53 -34.29 1.20
N ASN A 668 4.73 -34.78 1.55
CA ASN A 668 5.87 -34.65 0.63
C ASN A 668 5.66 -35.25 -0.75
N GLU A 669 5.01 -36.42 -0.83
CA GLU A 669 4.84 -37.07 -2.10
C GLU A 669 4.00 -36.22 -3.07
N VAL A 670 2.79 -35.78 -2.63
CA VAL A 670 1.92 -34.94 -3.44
C VAL A 670 2.56 -33.58 -3.67
N GLU A 671 3.27 -33.05 -2.71
CA GLU A 671 3.91 -31.74 -2.84
C GLU A 671 4.96 -31.81 -3.96
N THR A 672 5.76 -32.90 -3.97
CA THR A 672 6.76 -33.08 -5.00
C THR A 672 6.11 -33.22 -6.38
N GLN A 673 5.04 -34.04 -6.48
CA GLN A 673 4.35 -34.22 -7.74
C GLN A 673 3.70 -32.94 -8.22
N PHE A 674 3.16 -32.14 -7.30
CA PHE A 674 2.48 -30.91 -7.71
C PHE A 674 3.49 -29.91 -8.24
N LYS A 675 4.64 -29.78 -7.58
CA LYS A 675 5.70 -28.90 -8.02
C LYS A 675 6.23 -29.32 -9.38
N ALA A 676 6.39 -30.62 -9.60
CA ALA A 676 6.85 -31.14 -10.88
C ALA A 676 5.81 -30.82 -11.97
N PHE A 677 4.52 -30.93 -11.65
CA PHE A 677 3.45 -30.61 -12.61
C PHE A 677 3.56 -29.10 -13.01
N LEU A 678 3.77 -28.21 -12.05
CA LEU A 678 3.88 -26.77 -12.32
C LEU A 678 5.06 -26.48 -13.27
N ILE A 679 6.24 -27.07 -13.01
CA ILE A 679 7.40 -26.85 -13.86
C ILE A 679 7.17 -27.46 -15.24
N ARG A 680 6.51 -28.63 -15.31
CA ARG A 680 6.22 -29.25 -16.61
C ARG A 680 5.29 -28.33 -17.44
N LEU A 681 4.34 -27.72 -16.78
CA LEU A 681 3.37 -26.84 -17.40
C LEU A 681 4.01 -25.63 -18.05
N LEU A 682 5.02 -25.04 -17.39
CA LEU A 682 5.69 -23.83 -17.89
C LEU A 682 7.07 -24.10 -18.50
N ARG A 683 7.46 -25.37 -18.62
CA ARG A 683 8.81 -25.71 -19.12
C ARG A 683 9.15 -25.07 -20.46
N ASP A 684 8.23 -25.09 -21.43
CA ASP A 684 8.56 -24.53 -22.75
C ASP A 684 8.81 -23.04 -22.68
N LEU A 685 7.99 -22.32 -21.88
CA LEU A 685 8.18 -20.90 -21.70
C LEU A 685 9.49 -20.64 -20.93
N ILE A 686 9.78 -21.46 -19.89
CA ILE A 686 11.05 -21.31 -19.16
C ILE A 686 12.26 -21.47 -20.11
N ASP A 687 12.23 -22.54 -20.92
CA ASP A 687 13.29 -22.86 -21.89
C ASP A 687 13.50 -21.75 -22.93
N LYS A 688 12.44 -21.03 -23.32
CA LYS A 688 12.58 -19.95 -24.30
C LYS A 688 13.25 -18.69 -23.72
N GLN A 689 13.36 -18.58 -22.37
CA GLN A 689 13.91 -17.36 -21.81
C GLN A 689 15.40 -17.19 -22.08
N THR A 690 15.79 -15.96 -22.38
CA THR A 690 17.19 -15.65 -22.56
C THR A 690 17.69 -15.14 -21.21
N TRP A 691 18.98 -15.27 -20.96
CA TRP A 691 19.58 -14.79 -19.72
C TRP A 691 20.19 -13.40 -19.99
N THR A 692 19.31 -12.41 -20.19
CA THR A 692 19.68 -11.05 -20.57
C THR A 692 18.66 -10.05 -19.94
N ASP A 693 18.81 -8.73 -20.21
CA ASP A 693 17.85 -7.71 -19.81
C ASP A 693 17.10 -7.18 -21.01
N GLU A 694 16.93 -8.01 -22.05
CA GLU A 694 16.27 -7.59 -23.29
C GLU A 694 14.77 -7.54 -23.17
N GLY A 695 14.17 -6.69 -23.99
CA GLY A 695 12.74 -6.62 -24.14
C GLY A 695 12.03 -5.54 -23.36
N SER A 696 10.71 -5.59 -23.44
CA SER A 696 9.84 -4.68 -22.75
C SER A 696 9.86 -4.96 -21.26
N VAL A 697 9.26 -4.07 -20.45
CA VAL A 697 9.16 -4.27 -19.01
C VAL A 697 8.39 -5.61 -18.72
N SER A 698 7.35 -5.94 -19.51
CA SER A 698 6.60 -7.17 -19.30
CA SER A 698 6.61 -7.18 -19.30
C SER A 698 7.48 -8.38 -19.61
N GLU A 699 8.28 -8.30 -20.68
CA GLU A 699 9.15 -9.41 -21.03
C GLU A 699 10.24 -9.61 -19.96
N ARG A 700 10.74 -8.51 -19.40
CA ARG A 700 11.76 -8.59 -18.37
C ARG A 700 11.19 -9.19 -17.07
N MET A 701 9.98 -8.74 -16.67
CA MET A 701 9.39 -9.24 -15.42
C MET A 701 9.04 -10.74 -15.56
N LEU A 702 8.54 -11.13 -16.73
CA LEU A 702 8.22 -12.54 -16.97
C LEU A 702 9.49 -13.40 -16.93
N ARG A 703 10.53 -12.93 -17.56
CA ARG A 703 11.82 -13.63 -17.53
C ARG A 703 12.33 -13.86 -16.10
N SER A 704 12.38 -12.79 -15.32
CA SER A 704 12.93 -12.86 -13.98
C SER A 704 12.17 -13.84 -13.09
N GLN A 705 10.82 -13.78 -13.19
CA GLN A 705 10.00 -14.66 -12.36
C GLN A 705 10.15 -16.12 -12.79
N LEU A 706 10.19 -16.40 -14.11
CA LEU A 706 10.30 -17.77 -14.57
C LEU A 706 11.63 -18.34 -14.23
N LEU A 707 12.73 -17.57 -14.39
CA LEU A 707 14.03 -18.13 -14.05
C LEU A 707 14.15 -18.40 -12.58
N LEU A 708 13.63 -17.50 -11.74
CA LEU A 708 13.67 -17.73 -10.29
C LEU A 708 12.86 -18.97 -9.93
N LEU A 709 11.67 -19.13 -10.53
CA LEU A 709 10.81 -20.27 -10.21
C LEU A 709 11.50 -21.58 -10.60
N ALA A 710 12.10 -21.61 -11.80
CA ALA A 710 12.79 -22.83 -12.29
C ALA A 710 13.94 -23.18 -11.35
N CYS A 711 14.74 -22.19 -10.92
CA CYS A 711 15.88 -22.49 -10.04
C CYS A 711 15.43 -22.95 -8.68
N VAL A 712 14.41 -22.28 -8.09
CA VAL A 712 13.85 -22.68 -6.79
C VAL A 712 13.35 -24.13 -6.84
N HIS A 713 12.82 -24.56 -8.00
CA HIS A 713 12.32 -25.93 -8.15
C HIS A 713 13.35 -26.93 -8.67
N ASN A 714 14.62 -26.54 -8.68
CA ASN A 714 15.74 -27.37 -9.10
CA ASN A 714 15.69 -27.43 -9.08
C ASN A 714 15.65 -27.86 -10.54
N TYR A 715 15.18 -27.02 -11.46
CA TYR A 715 15.14 -27.37 -12.87
C TYR A 715 16.60 -27.25 -13.35
N GLN A 716 17.23 -28.40 -13.60
CA GLN A 716 18.67 -28.46 -13.85
C GLN A 716 19.23 -27.55 -14.92
N PRO A 717 18.61 -27.37 -16.11
CA PRO A 717 19.19 -26.43 -17.09
C PRO A 717 19.34 -25.01 -16.53
N CYS A 718 18.35 -24.56 -15.72
CA CYS A 718 18.44 -23.22 -15.15
C CYS A 718 19.39 -23.17 -13.98
N VAL A 719 19.33 -24.16 -13.08
CA VAL A 719 20.22 -24.19 -11.91
C VAL A 719 21.70 -24.17 -12.36
N GLN A 720 22.03 -24.97 -13.39
CA GLN A 720 23.42 -25.01 -13.85
C GLN A 720 23.88 -23.69 -14.46
N ARG A 721 23.01 -23.01 -15.21
CA ARG A 721 23.32 -21.71 -15.75
C ARG A 721 23.51 -20.68 -14.58
N ALA A 722 22.61 -20.72 -13.58
CA ALA A 722 22.74 -19.82 -12.43
C ALA A 722 24.03 -20.05 -11.63
N GLU A 723 24.40 -21.30 -11.44
CA GLU A 723 25.62 -21.67 -10.71
C GLU A 723 26.85 -21.11 -11.41
N GLY A 724 26.87 -21.20 -12.74
CA GLY A 724 27.97 -20.66 -13.53
C GLY A 724 28.09 -19.16 -13.41
N TYR A 725 26.94 -18.43 -13.46
CA TYR A 725 26.99 -16.97 -13.31
C TYR A 725 27.45 -16.64 -11.89
N PHE A 726 26.94 -17.36 -10.85
CA PHE A 726 27.30 -17.01 -9.47
C PHE A 726 28.81 -17.21 -9.25
N ARG A 727 29.34 -18.32 -9.75
CA ARG A 727 30.78 -18.65 -9.63
C ARG A 727 31.62 -17.55 -10.28
N LYS A 728 31.25 -17.14 -11.50
CA LYS A 728 31.96 -16.06 -12.18
C LYS A 728 31.84 -14.73 -11.48
N TRP A 729 30.65 -14.41 -10.96
CA TRP A 729 30.45 -13.16 -10.23
C TRP A 729 31.31 -13.18 -8.93
N LYS A 730 31.29 -14.31 -8.20
CA LYS A 730 32.03 -14.42 -6.94
C LYS A 730 33.54 -14.36 -7.18
N GLU A 731 34.01 -15.04 -8.23
CA GLU A 731 35.44 -15.08 -8.60
C GLU A 731 35.96 -13.72 -9.05
N SER A 732 35.06 -12.84 -9.53
CA SER A 732 35.35 -11.45 -9.90
C SER A 732 35.28 -10.51 -8.69
N ASN A 733 35.05 -11.04 -7.47
CA ASN A 733 34.85 -10.29 -6.24
C ASN A 733 33.61 -9.41 -6.27
N GLY A 734 32.55 -9.91 -6.90
CA GLY A 734 31.29 -9.18 -6.97
C GLY A 734 31.32 -7.90 -7.79
N GLN A 735 32.33 -7.77 -8.66
CA GLN A 735 32.47 -6.60 -9.53
C GLN A 735 31.59 -6.77 -10.76
N LEU A 736 31.58 -7.99 -11.35
CA LEU A 736 30.82 -8.37 -12.55
C LEU A 736 29.37 -7.85 -12.61
N SER A 737 29.00 -7.21 -13.73
CA SER A 737 27.64 -6.73 -13.91
C SER A 737 26.88 -7.92 -14.48
N LEU A 738 25.94 -8.43 -13.71
CA LEU A 738 25.11 -9.55 -14.15
C LEU A 738 23.88 -8.94 -14.78
N PRO A 739 23.17 -9.63 -15.70
CA PRO A 739 21.86 -9.09 -16.15
C PRO A 739 20.96 -8.99 -14.93
N VAL A 740 20.38 -7.80 -14.67
CA VAL A 740 19.51 -7.64 -13.50
C VAL A 740 18.37 -8.68 -13.47
N ASP A 741 17.86 -9.05 -14.66
CA ASP A 741 16.72 -9.96 -14.74
C ASP A 741 17.02 -11.40 -14.36
N VAL A 742 18.29 -11.78 -14.30
CA VAL A 742 18.64 -13.12 -13.85
C VAL A 742 19.24 -13.09 -12.43
N THR A 743 19.46 -11.90 -11.85
CA THR A 743 20.13 -11.77 -10.58
C THR A 743 19.38 -12.48 -9.45
N LEU A 744 18.02 -12.41 -9.40
CA LEU A 744 17.32 -13.13 -8.33
C LEU A 744 17.60 -14.64 -8.39
N ALA A 745 17.58 -15.23 -9.60
CA ALA A 745 17.84 -16.64 -9.73
C ALA A 745 19.30 -16.95 -9.35
N VAL A 746 20.24 -16.12 -9.82
CA VAL A 746 21.67 -16.37 -9.60
C VAL A 746 21.99 -16.28 -8.11
N PHE A 747 21.50 -15.23 -7.45
CA PHE A 747 21.73 -15.09 -6.00
C PHE A 747 21.03 -16.17 -5.23
N ALA A 748 19.77 -16.54 -5.61
CA ALA A 748 19.06 -17.58 -4.85
C ALA A 748 19.80 -18.90 -4.93
N VAL A 749 20.37 -19.24 -6.10
CA VAL A 749 21.14 -20.47 -6.19
C VAL A 749 22.45 -20.34 -5.39
N GLY A 750 23.14 -19.22 -5.57
CA GLY A 750 24.41 -19.01 -4.88
C GLY A 750 24.35 -19.09 -3.36
N ALA A 751 23.26 -18.58 -2.75
CA ALA A 751 23.15 -18.60 -1.30
C ALA A 751 22.81 -19.97 -0.70
N GLN A 752 22.72 -21.03 -1.50
CA GLN A 752 22.41 -22.38 -0.99
C GLN A 752 23.66 -23.10 -0.41
N SER A 753 24.85 -22.51 -0.54
CA SER A 753 26.03 -23.08 0.12
C SER A 753 26.46 -22.06 1.17
N THR A 754 27.20 -22.53 2.18
CA THR A 754 27.64 -21.64 3.24
C THR A 754 28.59 -20.57 2.69
N GLU A 755 29.51 -20.96 1.80
CA GLU A 755 30.41 -19.98 1.19
C GLU A 755 29.65 -18.92 0.35
N GLY A 756 28.65 -19.34 -0.43
CA GLY A 756 27.92 -18.40 -1.25
C GLY A 756 27.09 -17.47 -0.40
N TRP A 757 26.42 -18.04 0.63
CA TRP A 757 25.61 -17.19 1.54
C TRP A 757 26.48 -16.09 2.20
N ASP A 758 27.64 -16.51 2.73
CA ASP A 758 28.55 -15.59 3.39
C ASP A 758 29.09 -14.53 2.43
N PHE A 759 29.41 -14.92 1.19
CA PHE A 759 29.92 -13.96 0.20
C PHE A 759 28.82 -12.95 -0.17
N LEU A 760 27.58 -13.44 -0.38
CA LEU A 760 26.46 -12.54 -0.67
C LEU A 760 26.19 -11.56 0.44
N TYR A 761 26.16 -12.03 1.69
CA TYR A 761 25.94 -11.12 2.80
C TYR A 761 27.11 -10.08 2.90
N SER A 762 28.34 -10.50 2.55
CA SER A 762 29.48 -9.55 2.60
C SER A 762 29.32 -8.40 1.62
N LYS A 763 28.58 -8.59 0.52
CA LYS A 763 28.39 -7.52 -0.46
C LYS A 763 27.25 -6.58 -0.06
N TYR A 764 26.36 -7.06 0.82
CA TYR A 764 25.21 -6.29 1.25
C TYR A 764 25.56 -4.95 1.89
N GLN A 765 26.58 -4.91 2.77
CA GLN A 765 26.96 -3.65 3.42
C GLN A 765 27.48 -2.56 2.50
N PHE A 766 28.06 -2.90 1.36
CA PHE A 766 28.60 -1.87 0.46
C PHE A 766 27.57 -1.41 -0.55
N SER A 767 26.46 -2.13 -0.74
CA SER A 767 25.55 -1.79 -1.82
C SER A 767 24.81 -0.48 -1.58
N LEU A 768 24.72 0.31 -2.65
CA LEU A 768 23.92 1.53 -2.63
C LEU A 768 22.64 1.32 -3.47
N SER A 769 22.42 0.13 -4.04
CA SER A 769 21.28 -0.20 -4.89
C SER A 769 20.17 -0.84 -4.06
N SER A 770 18.96 -0.24 -4.07
CA SER A 770 17.84 -0.82 -3.35
C SER A 770 17.49 -2.18 -3.97
N THR A 771 17.50 -2.31 -5.33
CA THR A 771 17.17 -3.61 -5.94
C THR A 771 18.19 -4.68 -5.51
N GLU A 772 19.46 -4.36 -5.55
CA GLU A 772 20.48 -5.35 -5.19
C GLU A 772 20.36 -5.77 -3.73
N LYS A 773 20.07 -4.82 -2.82
CA LYS A 773 19.87 -5.17 -1.41
C LYS A 773 18.62 -6.04 -1.25
N SER A 774 17.52 -5.75 -2.00
CA SER A 774 16.33 -6.60 -1.94
C SER A 774 16.61 -8.00 -2.47
N GLN A 775 17.36 -8.11 -3.60
CA GLN A 775 17.65 -9.42 -4.20
C GLN A 775 18.53 -10.23 -3.26
N ILE A 776 19.48 -9.56 -2.59
CA ILE A 776 20.31 -10.27 -1.61
C ILE A 776 19.46 -10.73 -0.43
N GLU A 777 18.58 -9.86 0.10
CA GLU A 777 17.71 -10.26 1.22
C GLU A 777 16.88 -11.49 0.85
N PHE A 778 16.29 -11.49 -0.36
CA PHE A 778 15.46 -12.63 -0.78
C PHE A 778 16.30 -13.90 -0.78
N ALA A 779 17.50 -13.81 -1.40
CA ALA A 779 18.35 -14.98 -1.52
C ALA A 779 18.79 -15.50 -0.15
N LEU A 780 19.18 -14.60 0.76
CA LEU A 780 19.64 -15.07 2.08
C LEU A 780 18.50 -15.75 2.85
N CYS A 781 17.26 -15.23 2.67
CA CYS A 781 16.09 -15.80 3.36
C CYS A 781 15.70 -17.17 2.85
N ARG A 782 16.28 -17.63 1.70
CA ARG A 782 16.00 -18.97 1.21
C ARG A 782 16.90 -20.03 1.80
N THR A 783 17.89 -19.65 2.65
CA THR A 783 18.73 -20.66 3.27
C THR A 783 17.92 -21.63 4.07
N GLN A 784 18.41 -22.87 4.13
CA GLN A 784 17.78 -23.91 4.94
C GLN A 784 18.56 -24.17 6.23
N ASN A 785 19.46 -23.24 6.60
CA ASN A 785 20.22 -23.28 7.82
C ASN A 785 19.45 -22.44 8.84
N LYS A 786 18.87 -23.10 9.85
CA LYS A 786 18.04 -22.38 10.82
C LYS A 786 18.79 -21.35 11.64
N GLU A 787 20.11 -21.54 11.88
CA GLU A 787 20.87 -20.55 12.62
C GLU A 787 20.98 -19.25 11.79
N LYS A 788 21.15 -19.35 10.45
CA LYS A 788 21.24 -18.18 9.58
C LYS A 788 19.85 -17.48 9.49
N LEU A 789 18.75 -18.27 9.46
CA LEU A 789 17.42 -17.67 9.42
C LEU A 789 17.14 -16.90 10.70
N GLN A 790 17.47 -17.49 11.86
CA GLN A 790 17.24 -16.79 13.15
C GLN A 790 18.12 -15.54 13.20
N TRP A 791 19.33 -15.60 12.64
CA TRP A 791 20.22 -14.44 12.60
C TRP A 791 19.60 -13.33 11.78
N LEU A 792 18.99 -13.66 10.64
CA LEU A 792 18.36 -12.62 9.80
C LEU A 792 17.23 -11.92 10.55
N LEU A 793 16.43 -12.70 11.28
CA LEU A 793 15.34 -12.11 12.07
C LEU A 793 15.89 -11.24 13.20
N ASP A 794 16.86 -11.75 13.96
CA ASP A 794 17.41 -10.97 15.08
C ASP A 794 18.10 -9.69 14.61
N GLU A 795 18.84 -9.75 13.51
CA GLU A 795 19.56 -8.60 13.01
C GLU A 795 18.66 -7.55 12.39
N SER A 796 17.67 -7.93 11.61
CA SER A 796 16.75 -6.95 11.03
C SER A 796 15.88 -6.35 12.16
N PHE A 797 15.52 -7.16 13.19
CA PHE A 797 14.71 -6.65 14.30
C PHE A 797 15.52 -5.55 15.05
N LYS A 798 16.82 -5.78 15.22
CA LYS A 798 17.76 -4.87 15.90
C LYS A 798 17.99 -3.62 15.05
N GLY A 799 18.14 -3.77 13.74
CA GLY A 799 18.26 -2.64 12.83
C GLY A 799 19.65 -2.12 12.51
N ASP A 800 20.67 -2.82 12.94
CA ASP A 800 22.06 -2.37 12.73
C ASP A 800 22.65 -2.90 11.39
N LYS A 801 22.81 -4.21 11.22
CA LYS A 801 23.36 -4.77 9.95
C LYS A 801 22.33 -4.74 8.82
N ILE A 802 21.06 -4.93 9.18
CA ILE A 802 19.95 -4.87 8.24
C ILE A 802 18.94 -3.94 8.91
N LYS A 803 18.43 -2.95 8.18
CA LYS A 803 17.54 -1.98 8.77
C LYS A 803 16.21 -2.62 9.18
N THR A 804 15.61 -2.07 10.26
CA THR A 804 14.31 -2.57 10.73
C THR A 804 13.20 -2.35 9.72
N GLN A 805 13.34 -1.36 8.80
CA GLN A 805 12.31 -1.18 7.77
C GLN A 805 12.19 -2.44 6.88
N GLU A 806 13.24 -3.31 6.85
CA GLU A 806 13.19 -4.54 6.05
C GLU A 806 12.63 -5.73 6.87
N PHE A 807 12.47 -5.56 8.19
CA PHE A 807 12.04 -6.68 9.02
C PHE A 807 10.71 -7.24 8.62
N PRO A 808 9.64 -6.48 8.26
CA PRO A 808 8.38 -7.14 7.90
C PRO A 808 8.57 -8.06 6.70
N GLN A 809 9.36 -7.63 5.72
CA GLN A 809 9.57 -8.42 4.53
C GLN A 809 10.38 -9.66 4.84
N ILE A 810 11.42 -9.53 5.63
CA ILE A 810 12.24 -10.69 5.96
C ILE A 810 11.41 -11.72 6.77
N LEU A 811 10.58 -11.21 7.71
CA LEU A 811 9.74 -12.16 8.48
C LEU A 811 8.78 -12.95 7.57
N THR A 812 8.18 -12.28 6.56
CA THR A 812 7.27 -12.96 5.65
C THR A 812 8.05 -13.94 4.78
N LEU A 813 9.24 -13.53 4.29
CA LEU A 813 10.02 -14.45 3.42
C LEU A 813 10.41 -15.70 4.23
N ILE A 814 10.84 -15.52 5.48
CA ILE A 814 11.17 -16.68 6.30
C ILE A 814 9.93 -17.50 6.64
N GLY A 815 8.78 -16.84 6.82
CA GLY A 815 7.48 -17.48 7.03
C GLY A 815 7.09 -18.35 5.84
N ARG A 816 7.59 -18.04 4.66
CA ARG A 816 7.29 -18.80 3.44
CA ARG A 816 7.29 -18.83 3.47
C ARG A 816 8.40 -19.80 3.12
N ASN A 817 9.47 -19.84 3.92
CA ASN A 817 10.59 -20.77 3.64
C ASN A 817 10.16 -22.16 4.08
N PRO A 818 10.37 -23.18 3.23
CA PRO A 818 9.85 -24.53 3.54
C PRO A 818 10.42 -25.19 4.78
N VAL A 819 11.57 -24.74 5.27
CA VAL A 819 12.12 -25.29 6.52
C VAL A 819 12.06 -24.29 7.67
N GLY A 820 12.12 -23.00 7.37
CA GLY A 820 12.16 -21.98 8.38
C GLY A 820 10.84 -21.41 8.85
N TYR A 821 9.72 -21.78 8.18
CA TYR A 821 8.45 -21.19 8.52
C TYR A 821 8.07 -21.23 10.00
N PRO A 822 8.39 -22.26 10.83
CA PRO A 822 7.99 -22.19 12.24
C PRO A 822 8.71 -21.08 12.98
N LEU A 823 9.96 -20.75 12.58
CA LEU A 823 10.75 -19.70 13.25
C LEU A 823 10.10 -18.35 13.10
N ALA A 824 9.43 -18.08 12.01
CA ALA A 824 8.83 -16.74 11.83
C ALA A 824 7.64 -16.51 12.78
N TRP A 825 6.68 -17.47 12.83
CA TRP A 825 5.55 -17.40 13.74
C TRP A 825 6.06 -17.36 15.18
N GLN A 826 7.05 -18.17 15.52
CA GLN A 826 7.63 -18.16 16.85
C GLN A 826 8.21 -16.78 17.21
N PHE A 827 8.95 -16.17 16.26
CA PHE A 827 9.57 -14.88 16.49
C PHE A 827 8.48 -13.83 16.72
N LEU A 828 7.43 -13.86 15.90
CA LEU A 828 6.38 -12.88 16.03
C LEU A 828 5.71 -12.93 17.42
N ARG A 829 5.48 -14.12 17.91
CA ARG A 829 4.85 -14.29 19.23
C ARG A 829 5.75 -13.79 20.36
N LYS A 830 7.02 -14.15 20.27
CA LYS A 830 7.96 -13.83 21.33
C LYS A 830 8.27 -12.35 21.39
N ASN A 831 8.34 -11.69 20.23
CA ASN A 831 8.74 -10.27 20.17
C ASN A 831 7.58 -9.32 19.90
N TRP A 832 6.34 -9.79 20.08
CA TRP A 832 5.14 -9.04 19.79
C TRP A 832 5.13 -7.63 20.38
N ASN A 833 5.42 -7.51 21.69
CA ASN A 833 5.32 -6.17 22.26
C ASN A 833 6.25 -5.16 21.65
N LYS A 834 7.47 -5.54 21.41
CA LYS A 834 8.45 -4.62 20.80
C LYS A 834 8.08 -4.33 19.33
N LEU A 835 7.52 -5.31 18.61
CA LEU A 835 7.12 -5.10 17.23
C LEU A 835 5.96 -4.11 17.18
N VAL A 836 4.99 -4.26 18.11
CA VAL A 836 3.87 -3.33 18.15
C VAL A 836 4.38 -1.89 18.50
N GLN A 837 5.35 -1.80 19.42
CA GLN A 837 5.91 -0.51 19.82
C GLN A 837 6.58 0.16 18.60
N LYS A 838 7.27 -0.64 17.79
CA LYS A 838 7.98 -0.08 16.62
C LYS A 838 7.06 0.29 15.47
N PHE A 839 6.07 -0.58 15.16
CA PHE A 839 5.27 -0.46 13.95
C PHE A 839 3.84 0.02 14.15
N GLU A 840 3.32 -0.09 15.37
CA GLU A 840 1.98 0.32 15.84
C GLU A 840 0.87 -0.67 15.58
N LEU A 841 -0.02 -0.84 16.58
CA LEU A 841 -1.21 -1.69 16.42
C LEU A 841 -2.07 -1.11 15.31
N GLY A 842 -2.56 -1.95 14.42
CA GLY A 842 -3.44 -1.49 13.36
C GLY A 842 -2.70 -1.17 12.08
N SER A 843 -1.37 -0.98 12.15
CA SER A 843 -0.61 -0.68 10.95
C SER A 843 -0.62 -1.77 9.95
N SER A 844 -0.43 -1.40 8.67
CA SER A 844 -0.35 -2.40 7.62
CA SER A 844 -0.33 -2.37 7.60
C SER A 844 0.89 -3.27 7.82
N SER A 845 1.98 -2.76 8.43
CA SER A 845 3.18 -3.57 8.71
C SER A 845 2.81 -4.70 9.67
N ILE A 846 2.05 -4.41 10.73
CA ILE A 846 1.67 -5.47 11.68
C ILE A 846 0.72 -6.45 10.97
N ALA A 847 -0.21 -5.94 10.15
CA ALA A 847 -1.13 -6.83 9.44
C ALA A 847 -0.36 -7.78 8.51
N HIS A 848 0.66 -7.28 7.84
CA HIS A 848 1.47 -8.11 6.94
C HIS A 848 2.28 -9.13 7.72
N MET A 849 2.73 -8.81 8.95
CA MET A 849 3.48 -9.78 9.72
C MET A 849 2.55 -10.92 10.21
N VAL A 850 1.35 -10.56 10.62
CA VAL A 850 0.38 -11.55 11.12
C VAL A 850 0.00 -12.47 9.97
N MET A 851 -0.39 -11.91 8.81
CA MET A 851 -0.82 -12.78 7.71
CA MET A 851 -0.78 -12.74 7.66
C MET A 851 0.38 -13.55 7.13
N GLY A 852 1.54 -12.93 7.03
CA GLY A 852 2.72 -13.58 6.45
C GLY A 852 3.27 -14.76 7.21
N THR A 853 3.03 -14.79 8.51
CA THR A 853 3.52 -15.88 9.33
C THR A 853 2.48 -16.96 9.56
N THR A 854 1.20 -16.71 9.26
CA THR A 854 0.14 -17.66 9.64
C THR A 854 -0.84 -18.07 8.57
N ASN A 855 -0.92 -17.32 7.46
CA ASN A 855 -2.02 -17.58 6.54
C ASN A 855 -1.85 -18.76 5.59
N GLN A 856 -0.74 -19.50 5.75
CA GLN A 856 -0.58 -20.73 4.97
C GLN A 856 -0.71 -21.98 5.86
N PHE A 857 -1.14 -21.79 7.13
CA PHE A 857 -1.47 -22.91 8.01
C PHE A 857 -2.80 -23.54 7.59
N SER A 858 -2.92 -24.87 7.82
CA SER A 858 -4.11 -25.56 7.38
C SER A 858 -4.48 -26.72 8.28
N THR A 859 -4.11 -26.63 9.58
CA THR A 859 -4.51 -27.67 10.54
C THR A 859 -5.26 -27.02 11.69
N ARG A 860 -6.08 -27.82 12.37
CA ARG A 860 -6.81 -27.35 13.54
C ARG A 860 -5.86 -27.02 14.69
N THR A 861 -4.69 -27.68 14.77
CA THR A 861 -3.74 -27.34 15.84
C THR A 861 -3.17 -25.92 15.58
N ARG A 862 -2.79 -25.63 14.31
CA ARG A 862 -2.25 -24.31 14.00
C ARG A 862 -3.34 -23.26 14.20
N LEU A 863 -4.61 -23.55 13.82
CA LEU A 863 -5.67 -22.57 14.03
C LEU A 863 -5.82 -22.21 15.51
N GLU A 864 -5.72 -23.23 16.38
CA GLU A 864 -5.84 -22.95 17.83
C GLU A 864 -4.63 -22.16 18.34
N GLU A 865 -3.42 -22.37 17.76
CA GLU A 865 -2.25 -21.55 18.15
C GLU A 865 -2.56 -20.10 17.88
N VAL A 866 -3.09 -19.82 16.67
CA VAL A 866 -3.36 -18.45 16.30
C VAL A 866 -4.45 -17.86 17.19
N LYS A 867 -5.55 -18.58 17.35
CA LYS A 867 -6.66 -18.05 18.18
C LYS A 867 -6.20 -17.82 19.62
N GLY A 868 -5.49 -18.77 20.16
CA GLY A 868 -5.02 -18.71 21.53
C GLY A 868 -4.02 -17.61 21.78
N PHE A 869 -3.02 -17.47 20.88
CA PHE A 869 -2.04 -16.40 21.07
C PHE A 869 -2.75 -15.01 21.02
N PHE A 870 -3.47 -14.72 19.90
CA PHE A 870 -4.05 -13.37 19.79
C PHE A 870 -5.10 -13.09 20.82
N SER A 871 -5.88 -14.10 21.25
CA SER A 871 -6.91 -13.77 22.28
C SER A 871 -6.24 -13.42 23.60
N SER A 872 -5.04 -13.95 23.86
CA SER A 872 -4.31 -13.69 25.10
C SER A 872 -3.80 -12.25 25.21
N LEU A 873 -3.74 -11.53 24.11
CA LEU A 873 -3.19 -10.16 24.11
C LEU A 873 -4.14 -9.12 24.64
N LYS A 874 -5.43 -9.44 24.74
CA LYS A 874 -6.46 -8.53 25.24
C LYS A 874 -6.43 -7.19 24.49
N GLU A 875 -6.22 -6.04 25.16
CA GLU A 875 -6.20 -4.75 24.47
C GLU A 875 -4.99 -4.57 23.55
N ASN A 876 -3.95 -5.42 23.67
CA ASN A 876 -2.76 -5.24 22.83
C ASN A 876 -2.78 -6.10 21.55
N GLY A 877 -3.94 -6.26 20.91
CA GLY A 877 -3.99 -6.96 19.63
C GLY A 877 -5.11 -7.97 19.41
N SER A 878 -5.85 -8.37 20.48
CA SER A 878 -6.90 -9.38 20.29
C SER A 878 -7.98 -8.95 19.30
N GLN A 879 -8.21 -7.64 19.15
CA GLN A 879 -9.28 -7.16 18.29
C GLN A 879 -8.79 -6.67 16.94
N LEU A 880 -7.55 -6.99 16.55
CA LEU A 880 -7.06 -6.58 15.24
C LEU A 880 -7.85 -7.25 14.12
N ARG A 881 -8.18 -6.47 13.06
CA ARG A 881 -8.88 -7.05 11.94
C ARG A 881 -8.00 -8.07 11.24
N CYS A 882 -6.68 -7.86 11.18
CA CYS A 882 -5.79 -8.82 10.49
C CYS A 882 -5.85 -10.19 11.21
N VAL A 883 -6.06 -10.21 12.52
CA VAL A 883 -6.14 -11.48 13.25
C VAL A 883 -7.41 -12.22 12.81
N GLN A 884 -8.54 -11.52 12.69
CA GLN A 884 -9.77 -12.18 12.27
C GLN A 884 -9.65 -12.67 10.82
N GLN A 885 -8.96 -11.91 9.98
CA GLN A 885 -8.73 -12.31 8.59
CA GLN A 885 -8.72 -12.27 8.59
C GLN A 885 -7.88 -13.56 8.51
N THR A 886 -6.78 -13.62 9.30
CA THR A 886 -5.94 -14.83 9.22
C THR A 886 -6.65 -16.03 9.82
N ILE A 887 -7.49 -15.86 10.85
CA ILE A 887 -8.25 -16.97 11.38
C ILE A 887 -9.20 -17.51 10.29
N GLU A 888 -9.92 -16.59 9.62
CA GLU A 888 -10.85 -17.05 8.59
C GLU A 888 -10.14 -17.68 7.42
N THR A 889 -8.93 -17.18 7.10
CA THR A 889 -8.14 -17.77 6.02
C THR A 889 -7.73 -19.19 6.43
N ILE A 890 -7.21 -19.40 7.67
CA ILE A 890 -6.80 -20.73 8.06
C ILE A 890 -7.99 -21.68 8.09
N GLU A 891 -9.17 -21.19 8.52
CA GLU A 891 -10.38 -22.02 8.49
C GLU A 891 -10.70 -22.45 7.07
N GLU A 892 -10.56 -21.53 6.12
CA GLU A 892 -10.78 -21.88 4.72
C GLU A 892 -9.74 -22.87 4.21
N ASN A 893 -8.47 -22.70 4.60
CA ASN A 893 -7.41 -23.62 4.17
C ASN A 893 -7.67 -25.02 4.70
N ILE A 894 -8.14 -25.13 5.96
CA ILE A 894 -8.49 -26.42 6.52
C ILE A 894 -9.59 -27.12 5.72
N GLY A 895 -10.67 -26.40 5.44
CA GLY A 895 -11.78 -26.95 4.68
C GLY A 895 -11.35 -27.30 3.27
N TRP A 896 -10.59 -26.40 2.60
CA TRP A 896 -10.19 -26.62 1.21
C TRP A 896 -9.30 -27.86 1.10
N MET A 897 -8.29 -27.99 1.97
CA MET A 897 -7.39 -29.13 1.90
CA MET A 897 -7.40 -29.13 1.94
C MET A 897 -8.15 -30.42 2.25
N ASP A 898 -9.07 -30.38 3.23
CA ASP A 898 -9.84 -31.61 3.54
C ASP A 898 -10.66 -32.06 2.35
N LYS A 899 -11.23 -31.11 1.63
CA LYS A 899 -12.07 -31.47 0.47
C LYS A 899 -11.25 -31.86 -0.74
N ASN A 900 -10.15 -31.15 -1.02
CA ASN A 900 -9.45 -31.26 -2.28
C ASN A 900 -8.11 -32.00 -2.29
N PHE A 901 -7.48 -32.28 -1.15
CA PHE A 901 -6.16 -32.94 -1.18
C PHE A 901 -6.20 -34.30 -1.92
N ASP A 902 -7.14 -35.17 -1.55
CA ASP A 902 -7.19 -36.49 -2.22
C ASP A 902 -7.52 -36.33 -3.69
N LYS A 903 -8.37 -35.34 -4.04
CA LYS A 903 -8.72 -35.11 -5.44
C LYS A 903 -7.51 -34.72 -6.23
N ILE A 904 -6.67 -33.83 -5.66
CA ILE A 904 -5.46 -33.39 -6.34
C ILE A 904 -4.47 -34.55 -6.49
N ARG A 905 -4.33 -35.40 -5.44
CA ARG A 905 -3.45 -36.57 -5.50
C ARG A 905 -3.85 -37.49 -6.67
N VAL A 906 -5.17 -37.79 -6.77
CA VAL A 906 -5.71 -38.63 -7.85
C VAL A 906 -5.50 -37.97 -9.21
N TRP A 907 -5.86 -36.66 -9.34
CA TRP A 907 -5.68 -35.92 -10.60
C TRP A 907 -4.20 -35.97 -11.05
N LEU A 908 -3.27 -35.79 -10.12
CA LEU A 908 -1.84 -35.80 -10.47
C LEU A 908 -1.39 -37.16 -10.95
N GLN A 909 -1.95 -38.24 -10.39
CA GLN A 909 -1.62 -39.61 -10.81
C GLN A 909 -2.14 -39.93 -12.19
N SER A 910 -3.26 -39.31 -12.59
CA SER A 910 -3.87 -39.46 -13.90
C SER A 910 -3.13 -38.59 -14.92
N GLU A 911 -2.72 -37.38 -14.50
CA GLU A 911 -1.98 -36.45 -15.33
C GLU A 911 -0.51 -36.91 -15.36
ZN ZN B . -2.05 7.03 -0.82
P PO4 C . 0.37 6.51 0.57
O1 PO4 C . -0.98 5.95 0.49
O2 PO4 C . 0.48 7.63 -0.47
O3 PO4 C . 0.64 7.10 1.98
O4 PO4 C . 1.48 5.46 0.34
P PO4 D . -10.09 10.93 -20.54
O1 PO4 D . -11.50 11.39 -20.21
O2 PO4 D . -10.07 9.95 -21.74
O3 PO4 D . -9.24 12.19 -20.89
O4 PO4 D . -9.46 10.21 -19.32
C1 EDO E . 0.24 7.97 17.00
O1 EDO E . 0.04 6.60 17.31
C2 EDO E . -0.61 8.84 17.92
O2 EDO E . -2.01 8.47 17.86
C1 EDO F . -6.49 -34.58 4.66
O1 EDO F . -5.33 -34.98 5.40
C2 EDO F . -6.31 -33.20 4.11
O2 EDO F . -6.27 -32.24 5.15
C1 EDO G . 13.79 -7.89 -13.16
O1 EDO G . 14.18 -6.76 -13.92
C2 EDO G . 12.30 -7.99 -13.21
O2 EDO G . 11.75 -7.01 -12.36
C1 EDO H . 5.34 -11.40 -23.25
O1 EDO H . 4.53 -10.73 -24.22
C2 EDO H . 5.21 -10.70 -21.95
O2 EDO H . 3.83 -10.56 -21.65
C1 EDO I . -17.46 -4.06 10.90
O1 EDO I . -16.16 -4.52 11.24
C2 EDO I . -17.53 -3.79 9.42
O2 EDO I . -17.72 -5.00 8.72
C1 EDO J . -11.41 -1.72 9.40
O1 EDO J . -10.89 -2.45 10.51
C2 EDO J . -12.63 -0.92 9.82
O2 EDO J . -13.38 -1.49 10.91
N1 A1IMJ K . 4.16 -16.99 -2.74
C4 A1IMJ K . 9.40 -18.06 -6.62
C5 A1IMJ K . 7.94 -18.40 -6.52
C6 A1IMJ K . 7.79 -19.50 -5.48
C7 A1IMJ K . 6.30 -18.11 -3.10
C8 A1IMJ K . 5.60 -16.88 -2.53
C10 A1IMJ K . 1.91 -17.57 -1.92
C13 A1IMJ K . 2.50 -16.48 -6.56
C15 A1IMJ K . 4.41 -16.39 -5.10
BR A1IMJ K . 4.95 -15.77 -7.81
C14 A1IMJ K . 3.84 -16.26 -6.35
C12 A1IMJ K . 1.70 -16.86 -5.50
C16 A1IMJ K . 3.62 -16.76 -4.03
C11 A1IMJ K . 2.26 -17.00 -4.24
O4 A1IMJ K . 1.46 -17.53 -3.26
C9 A1IMJ K . 3.39 -17.41 -1.70
O3 A1IMJ K . 3.84 -17.73 -0.61
O2 A1IMJ K . 5.74 -19.19 -3.13
N A1IMJ K . 7.53 -17.92 -3.61
C1 A1IMJ K . 8.31 -19.06 -4.09
C A1IMJ K . 8.25 -20.27 -3.16
O1 A1IMJ K . 8.11 -21.43 -3.57
O A1IMJ K . 8.35 -19.94 -1.90
F A1IMJ K . 10.09 -19.14 -7.11
F1 A1IMJ K . 9.58 -17.06 -7.56
C3 A1IMJ K . 10.01 -17.62 -5.32
C2 A1IMJ K . 9.79 -18.66 -4.22
N1 A1IMJ L . 8.49 -10.11 -1.46
C4 A1IMJ L . 9.69 -12.05 -7.53
C5 A1IMJ L . 8.20 -11.79 -7.54
C6 A1IMJ L . 7.43 -12.85 -6.75
C7 A1IMJ L . 7.96 -11.67 -3.25
C8 A1IMJ L . 7.75 -10.28 -2.70
C10 A1IMJ L . 8.55 -9.91 0.99
C13 A1IMJ L . 12.55 -9.08 -1.43
C15 A1IMJ L . 10.62 -9.88 -2.65
BR A1IMJ L . 12.99 -9.65 -4.18
C14 A1IMJ L . 11.96 -9.53 -2.60
C12 A1IMJ L . 11.78 -8.95 -0.29
C16 A1IMJ L . 9.86 -9.75 -1.49
C11 A1IMJ L . 10.44 -9.27 -0.33
O4 A1IMJ L . 9.71 -9.09 0.82
C9 A1IMJ L . 7.82 -10.30 -0.28
O3 A1IMJ L . 6.68 -10.76 -0.22
O2 A1IMJ L . 8.23 -12.62 -2.52
N A1IMJ L . 7.86 -11.77 -4.59
C1 A1IMJ L . 8.00 -13.02 -5.33
C A1IMJ L . 7.25 -14.13 -4.60
O1 A1IMJ L . 7.79 -15.16 -4.28
O A1IMJ L . 6.00 -13.80 -4.28
F A1IMJ L . 9.96 -13.09 -8.38
F1 A1IMJ L . 10.34 -10.98 -8.08
C3 A1IMJ L . 10.28 -12.33 -6.18
C2 A1IMJ L . 9.49 -13.39 -5.42
#